data_7KBK
#
_entry.id   7KBK
#
_cell.length_a   58.664
_cell.length_b   186.583
_cell.length_c   234.584
_cell.angle_alpha   90.000
_cell.angle_beta   90.000
_cell.angle_gamma   90.000
#
_symmetry.space_group_name_H-M   'I 2 2 2'
#
loop_
_entity.id
_entity.type
_entity.pdbx_description
1 polymer Ricin
2 polymer Ricin
3 polymer 'VHH antibody V6E11'
4 branched beta-D-mannopyranose-(1-4)-2-acetamido-2-deoxy-beta-D-glucopyranose-(1-4)-[alpha-L-fucopyranose-(1-3)]2-acetamido-2-deoxy-beta-D-glucopyranose
5 branched beta-D-mannopyranose-(1-4)-2-acetamido-2-deoxy-beta-D-glucopyranose-(1-4)-2-acetamido-2-deoxy-beta-D-glucopyranose
6 non-polymer 'SULFATE ION'
7 non-polymer 1,2-ETHANEDIOL
8 non-polymer 'CHLORIDE ION'
9 water water
#
loop_
_entity_poly.entity_id
_entity_poly.type
_entity_poly.pdbx_seq_one_letter_code
_entity_poly.pdbx_strand_id
1 'polypeptide(L)'
;IFPKQYPIINFTTAGATVQSYTNFIRAVRGRLTTGADVRHEIPVLPNRVGLPINQRFILVELSNHAELSVTLALDVTNAY
VVGYRAGNSAYFFHPDNQEDAEAITHLFTDVQNRYTFAFGGNYDRLEQLAGNLRENIELGNGPLEEAISALYYYSTGGTQ
LPTLARSFIICIQMISEAARFQYIEGEMRTRIRYNRRSAPDPSVITLENSWGRLSTAIQESNQGAFASPIQLQRRNGSKF
SVYDVSILIPIIALMVYRCAPPPSSQF
;
A
2 'polypeptide(L)'
;ADVCMDPEPIVRIVGRNGLCVDVRDGRFHNGNAIQLWPCKSNTDANQLWTLKRDNTIRSNGKCLTTYGYSPGVYVMIYDC
NTAATDATRWQIWDNGTIINPRSSLVLAATSGNSGTTLTVQTNIYAVSQGWLPTNNTQPFVTTIVGLYGLCLQANSGQVW
IEDCSSEKAEQQWALYADGSIRPQQNRDNCLTSDSNIRETVVKILSCGPASSGQRWMFKNDGTILNLYSGLVLDVRASDP
SLKQIILYPLHGDPNQIWLPLF
;
B
3 'polypeptide(L)'
;QLQLAESGGGLVQAGGSLNLSCIASRRTLSTSFMAWFRQVPGKEREFVAALRSSDGRPYYGDSVKGRFTVSRDNANTVYL
QMNSLKPEDTAIYYCALNRGYSGTGYPSKQYEYNDWGQGTQVTVSSEPKTPKPQ
;
C
#
# COMPACT_ATOMS: atom_id res chain seq x y z
N LYS A 4 20.99 26.25 -13.83
CA LYS A 4 20.61 24.92 -13.41
C LYS A 4 19.48 25.00 -12.39
N GLN A 5 18.49 24.13 -12.53
CA GLN A 5 17.40 24.06 -11.57
C GLN A 5 17.34 22.66 -10.97
N TYR A 6 16.79 22.58 -9.75
CA TYR A 6 16.50 21.32 -9.11
C TYR A 6 15.49 20.53 -9.95
N PRO A 7 15.43 19.21 -9.77
CA PRO A 7 14.41 18.42 -10.47
C PRO A 7 13.00 18.87 -10.11
N ILE A 8 12.14 18.96 -11.13
CA ILE A 8 10.75 19.36 -10.94
C ILE A 8 9.83 18.18 -11.27
N ILE A 9 8.85 17.92 -10.39
CA ILE A 9 7.80 16.93 -10.64
C ILE A 9 6.46 17.66 -10.67
N ASN A 10 5.58 17.25 -11.58
CA ASN A 10 4.32 17.95 -11.83
C ASN A 10 3.12 17.14 -11.38
N PHE A 11 2.12 17.84 -10.86
CA PHE A 11 0.80 17.25 -10.65
C PHE A 11 -0.25 18.31 -10.88
N THR A 12 -1.36 17.92 -11.50
CA THR A 12 -2.50 18.80 -11.60
C THR A 12 -3.72 18.10 -11.04
N THR A 13 -4.53 18.86 -10.32
CA THR A 13 -5.80 18.35 -9.83
C THR A 13 -6.86 18.31 -10.92
N ALA A 14 -6.66 19.09 -11.99
CA ALA A 14 -7.63 19.15 -13.08
C ALA A 14 -7.64 17.81 -13.80
N GLY A 15 -8.74 17.08 -13.69
CA GLY A 15 -8.82 15.77 -14.33
C GLY A 15 -7.99 14.69 -13.65
N ALA A 16 -7.61 14.88 -12.39
CA ALA A 16 -6.75 13.91 -11.73
C ALA A 16 -7.43 12.55 -11.66
N THR A 17 -6.62 11.50 -11.79
CA THR A 17 -7.13 10.14 -11.67
C THR A 17 -6.29 9.41 -10.63
N VAL A 18 -6.75 8.21 -10.29
CA VAL A 18 -5.94 7.34 -9.44
C VAL A 18 -4.56 7.14 -10.06
N GLN A 19 -4.53 6.93 -11.38
CA GLN A 19 -3.28 6.71 -12.10
C GLN A 19 -2.38 7.94 -12.10
N SER A 20 -2.94 9.13 -12.33
CA SER A 20 -2.07 10.29 -12.43
C SER A 20 -1.49 10.65 -11.07
N TYR A 21 -2.26 10.46 -10.00
CA TYR A 21 -1.73 10.68 -8.66
C TYR A 21 -0.68 9.64 -8.30
N THR A 22 -0.93 8.37 -8.64
CA THR A 22 0.07 7.32 -8.37
C THR A 22 1.37 7.62 -9.10
N ASN A 23 1.30 8.00 -10.38
CA ASN A 23 2.51 8.32 -11.15
C ASN A 23 3.23 9.51 -10.54
N PHE A 24 2.47 10.49 -10.06
CA PHE A 24 3.07 11.66 -9.43
C PHE A 24 3.87 11.25 -8.21
N ILE A 25 3.26 10.48 -7.31
CA ILE A 25 3.93 10.13 -6.05
C ILE A 25 5.14 9.25 -6.32
N ARG A 26 5.02 8.29 -7.25
CA ARG A 26 6.18 7.48 -7.59
C ARG A 26 7.31 8.34 -8.15
N ALA A 27 6.99 9.35 -8.96
CA ALA A 27 8.06 10.18 -9.50
C ALA A 27 8.71 11.02 -8.42
N VAL A 28 7.92 11.46 -7.43
CA VAL A 28 8.49 12.19 -6.30
C VAL A 28 9.48 11.30 -5.54
N ARG A 29 9.08 10.06 -5.22
CA ARG A 29 9.98 9.14 -4.52
C ARG A 29 11.26 8.90 -5.32
N GLY A 30 11.14 8.78 -6.65
CA GLY A 30 12.30 8.50 -7.48
C GLY A 30 13.31 9.62 -7.50
N ARG A 31 12.90 10.84 -7.20
CA ARG A 31 13.81 11.98 -7.14
C ARG A 31 14.23 12.33 -5.72
N LEU A 32 13.54 11.80 -4.71
CA LEU A 32 13.97 12.01 -3.34
C LEU A 32 15.19 11.15 -3.01
N THR A 33 15.26 9.94 -3.57
CA THR A 33 16.40 9.10 -3.27
C THR A 33 16.68 8.16 -4.44
N THR A 34 17.93 7.72 -4.54
CA THR A 34 18.32 6.81 -5.61
C THR A 34 17.81 5.40 -5.35
N GLY A 35 17.61 5.04 -4.10
CA GLY A 35 17.33 3.65 -3.76
C GLY A 35 18.57 2.79 -3.59
N ALA A 36 19.76 3.40 -3.57
CA ALA A 36 20.97 2.62 -3.32
C ALA A 36 21.11 2.21 -1.87
N ASP A 37 20.47 2.94 -0.96
CA ASP A 37 20.50 2.62 0.47
C ASP A 37 19.11 2.12 0.86
N VAL A 38 19.00 0.80 1.01
CA VAL A 38 17.75 0.14 1.37
C VAL A 38 18.01 -0.71 2.59
N ARG A 39 17.21 -0.54 3.64
CA ARG A 39 17.41 -1.27 4.89
C ARG A 39 16.11 -1.97 5.29
N HIS A 40 16.19 -3.29 5.47
CA HIS A 40 15.00 -4.11 5.71
C HIS A 40 13.93 -3.84 4.65
N GLU A 41 14.39 -3.73 3.39
CA GLU A 41 13.60 -3.56 2.18
C GLU A 41 12.93 -2.19 2.08
N ILE A 42 13.28 -1.25 2.95
CA ILE A 42 12.70 0.10 2.95
C ILE A 42 13.78 1.10 2.54
N PRO A 43 13.58 1.88 1.47
CA PRO A 43 14.59 2.85 1.04
C PRO A 43 14.86 3.93 2.09
N VAL A 44 16.12 4.34 2.19
CA VAL A 44 16.55 5.41 3.08
C VAL A 44 16.83 6.65 2.26
N LEU A 45 16.42 7.81 2.77
CA LEU A 45 16.69 9.07 2.10
C LEU A 45 18.18 9.42 2.25
N PRO A 46 18.70 10.33 1.42
CA PRO A 46 20.12 10.71 1.53
C PRO A 46 20.46 11.28 2.90
N ASN A 47 21.67 11.00 3.36
CA ASN A 47 22.17 11.59 4.59
C ASN A 47 22.42 13.09 4.37
N ARG A 48 21.85 13.90 5.25
CA ARG A 48 22.06 15.35 5.20
C ARG A 48 23.54 15.72 5.29
N VAL A 49 24.30 15.02 6.13
CA VAL A 49 25.69 15.42 6.38
C VAL A 49 26.49 15.23 5.10
N GLY A 50 27.11 16.31 4.63
CA GLY A 50 27.89 16.26 3.41
C GLY A 50 27.10 16.17 2.13
N LEU A 51 25.78 16.27 2.17
CA LEU A 51 24.99 16.29 0.95
C LEU A 51 25.22 17.60 0.22
N PRO A 52 25.71 17.60 -1.03
CA PRO A 52 25.95 18.88 -1.72
C PRO A 52 24.66 19.65 -1.95
N ILE A 53 24.79 20.98 -1.91
CA ILE A 53 23.63 21.85 -1.99
C ILE A 53 22.87 21.64 -3.29
N ASN A 54 23.57 21.34 -4.39
CA ASN A 54 22.88 21.13 -5.67
C ASN A 54 22.03 19.86 -5.67
N GLN A 55 22.13 19.01 -4.66
CA GLN A 55 21.33 17.80 -4.54
C GLN A 55 20.36 17.85 -3.36
N ARG A 56 20.17 19.03 -2.75
CA ARG A 56 19.46 19.06 -1.47
C ARG A 56 17.93 19.09 -1.62
N PHE A 57 17.40 19.62 -2.72
CA PHE A 57 15.97 19.87 -2.84
C PHE A 57 15.42 19.30 -4.14
N ILE A 58 14.11 19.05 -4.16
CA ILE A 58 13.37 18.84 -5.39
C ILE A 58 12.15 19.76 -5.36
N LEU A 59 11.59 20.02 -6.54
CA LEU A 59 10.47 20.93 -6.70
C LEU A 59 9.23 20.19 -7.16
N VAL A 60 8.08 20.61 -6.66
CA VAL A 60 6.81 20.00 -7.02
C VAL A 60 5.91 21.12 -7.50
N GLU A 61 5.65 21.16 -8.81
CA GLU A 61 4.80 22.19 -9.40
C GLU A 61 3.36 21.66 -9.43
N LEU A 62 2.49 22.30 -8.65
CA LEU A 62 1.08 21.92 -8.57
C LEU A 62 0.24 22.90 -9.39
N SER A 63 -0.69 22.37 -10.18
CA SER A 63 -1.62 23.18 -10.95
C SER A 63 -3.02 22.73 -10.60
N ASN A 64 -4.03 23.56 -10.91
CA ASN A 64 -5.39 23.19 -10.60
C ASN A 64 -6.34 23.66 -11.69
N HIS A 65 -7.61 23.28 -11.53
CA HIS A 65 -8.64 23.62 -12.49
C HIS A 65 -8.76 25.12 -12.69
N ALA A 66 -8.44 25.92 -11.68
CA ALA A 66 -8.49 27.37 -11.86
C ALA A 66 -7.29 27.90 -12.64
N GLU A 67 -6.47 27.02 -13.20
CA GLU A 67 -5.29 27.41 -13.98
C GLU A 67 -4.31 28.25 -13.18
N LEU A 68 -4.19 27.97 -11.89
CA LEU A 68 -3.16 28.54 -11.04
C LEU A 68 -2.11 27.48 -10.75
N SER A 69 -0.87 27.92 -10.52
CA SER A 69 0.24 27.04 -10.20
C SER A 69 1.04 27.60 -9.04
N VAL A 70 1.49 26.70 -8.16
CA VAL A 70 2.54 27.02 -7.20
C VAL A 70 3.56 25.90 -7.28
N THR A 71 4.77 26.19 -6.80
CA THR A 71 5.84 25.20 -6.77
C THR A 71 6.30 25.02 -5.34
N LEU A 72 6.10 23.83 -4.79
CA LEU A 72 6.62 23.50 -3.47
C LEU A 72 8.07 23.07 -3.59
N ALA A 73 8.86 23.40 -2.56
CA ALA A 73 10.21 22.87 -2.45
C ALA A 73 10.22 21.81 -1.35
N LEU A 74 10.81 20.67 -1.64
CA LEU A 74 10.92 19.56 -0.70
C LEU A 74 12.39 19.29 -0.41
N ASP A 75 12.70 19.11 0.88
CA ASP A 75 14.04 18.70 1.31
C ASP A 75 14.20 17.19 1.08
N VAL A 76 15.22 16.79 0.31
CA VAL A 76 15.36 15.36 0.01
C VAL A 76 15.75 14.54 1.23
N THR A 77 16.28 15.18 2.28
CA THR A 77 16.70 14.42 3.45
C THR A 77 15.52 13.99 4.32
N ASN A 78 14.36 14.64 4.20
CA ASN A 78 13.20 14.22 4.98
C ASN A 78 11.89 14.22 4.20
N ALA A 79 11.91 14.51 2.90
CA ALA A 79 10.75 14.55 2.00
C ALA A 79 9.78 15.67 2.36
N TYR A 80 10.16 16.62 3.20
CA TYR A 80 9.21 17.58 3.74
C TYR A 80 9.26 18.92 3.01
N VAL A 81 8.11 19.59 2.97
CA VAL A 81 8.02 20.92 2.36
C VAL A 81 8.81 21.92 3.19
N VAL A 82 9.67 22.71 2.53
CA VAL A 82 10.39 23.79 3.22
C VAL A 82 9.89 25.16 2.82
N GLY A 83 9.25 25.29 1.66
CA GLY A 83 8.68 26.56 1.26
C GLY A 83 8.02 26.39 -0.08
N TYR A 84 7.64 27.52 -0.69
CA TYR A 84 7.08 27.42 -2.02
C TYR A 84 7.22 28.75 -2.75
N ARG A 85 7.01 28.68 -4.06
CA ARG A 85 7.00 29.85 -4.92
C ARG A 85 5.62 30.00 -5.55
N ALA A 86 5.14 31.24 -5.56
CA ALA A 86 3.95 31.61 -6.32
C ALA A 86 4.30 32.86 -7.11
N GLY A 87 4.30 32.74 -8.43
CA GLY A 87 4.65 33.89 -9.28
C GLY A 87 6.02 34.41 -8.92
N ASN A 88 6.06 35.71 -8.55
CA ASN A 88 7.30 36.42 -8.28
C ASN A 88 7.69 36.44 -6.80
N SER A 89 7.03 35.63 -5.96
CA SER A 89 7.30 35.60 -4.53
C SER A 89 7.58 34.18 -4.05
N ALA A 90 8.53 34.06 -3.12
CA ALA A 90 8.80 32.81 -2.45
C ALA A 90 8.56 32.96 -0.96
N TYR A 91 8.20 31.86 -0.31
CA TYR A 91 7.77 31.80 1.08
C TYR A 91 8.44 30.58 1.71
N PHE A 92 9.04 30.74 2.89
CA PHE A 92 9.79 29.65 3.50
C PHE A 92 9.40 29.48 4.95
N PHE A 93 9.28 28.23 5.39
CA PHE A 93 9.15 27.96 6.81
C PHE A 93 10.41 28.42 7.54
N HIS A 94 10.23 28.83 8.80
CA HIS A 94 11.34 29.23 9.65
C HIS A 94 12.37 28.10 9.76
N PRO A 95 13.61 28.31 9.33
CA PRO A 95 14.61 27.24 9.38
C PRO A 95 14.94 26.82 10.80
N ASP A 96 15.33 25.56 10.95
CA ASP A 96 15.70 25.03 12.26
C ASP A 96 17.09 25.46 12.72
N ASN A 97 17.96 25.83 11.79
CA ASN A 97 19.35 26.09 12.15
C ASN A 97 19.98 26.96 11.07
N GLN A 98 21.19 27.45 11.37
CA GLN A 98 21.89 28.35 10.46
C GLN A 98 22.16 27.70 9.11
N GLU A 99 22.59 26.44 9.11
CA GLU A 99 22.92 25.76 7.86
C GLU A 99 21.70 25.62 6.97
N ASP A 100 20.55 25.27 7.54
CA ASP A 100 19.32 25.20 6.75
C ASP A 100 18.92 26.59 6.24
N ALA A 101 19.18 27.64 7.03
CA ALA A 101 18.86 28.99 6.58
C ALA A 101 19.70 29.37 5.35
N GLU A 102 20.99 29.02 5.35
CA GLU A 102 21.80 29.18 4.15
C GLU A 102 21.30 28.32 3.00
N ALA A 103 20.93 27.07 3.30
CA ALA A 103 20.51 26.15 2.24
C ALA A 103 19.33 26.69 1.44
N ILE A 104 18.32 27.26 2.11
CA ILE A 104 17.13 27.65 1.38
C ILE A 104 17.38 28.87 0.50
N THR A 105 18.48 29.61 0.69
CA THR A 105 18.78 30.68 -0.25
C THR A 105 19.10 30.17 -1.65
N HIS A 106 19.32 28.86 -1.82
CA HIS A 106 19.57 28.29 -3.13
C HIS A 106 18.29 27.94 -3.88
N LEU A 107 17.12 28.15 -3.28
CA LEU A 107 15.85 27.86 -3.91
C LEU A 107 15.22 29.12 -4.51
N PHE A 108 14.68 28.99 -5.71
CA PHE A 108 13.97 30.09 -6.37
C PHE A 108 14.83 31.34 -6.42
N THR A 109 16.06 31.20 -6.94
CA THR A 109 17.03 32.29 -6.76
C THR A 109 16.69 33.52 -7.59
N ASP A 110 15.89 33.39 -8.64
CA ASP A 110 15.51 34.53 -9.45
C ASP A 110 14.18 35.15 -9.05
N VAL A 111 13.54 34.65 -8.00
CA VAL A 111 12.29 35.22 -7.53
C VAL A 111 12.53 36.65 -7.02
N GLN A 112 11.55 37.53 -7.22
CA GLN A 112 11.73 38.94 -6.86
C GLN A 112 11.76 39.14 -5.34
N ASN A 113 10.78 38.57 -4.63
N ASN A 113 10.79 38.60 -4.61
CA ASN A 113 10.57 38.76 -3.20
CA ASN A 113 10.77 38.82 -3.19
C ASN A 113 10.73 37.44 -2.46
C ASN A 113 10.69 37.50 -2.44
N ARG A 114 11.21 37.51 -1.21
CA ARG A 114 11.34 36.30 -0.39
C ARG A 114 10.93 36.60 1.04
N TYR A 115 10.15 35.69 1.64
CA TYR A 115 9.64 35.85 2.99
C TYR A 115 9.85 34.57 3.80
N THR A 116 10.44 34.70 4.97
CA THR A 116 10.59 33.57 5.91
C THR A 116 9.61 33.77 7.07
N PHE A 117 8.69 32.82 7.24
CA PHE A 117 7.66 32.89 8.26
C PHE A 117 8.25 32.78 9.67
N ALA A 118 7.45 33.20 10.66
CA ALA A 118 7.83 33.01 12.05
C ALA A 118 7.76 31.54 12.46
N PHE A 119 6.94 30.74 11.80
CA PHE A 119 6.66 29.36 12.20
C PHE A 119 7.39 28.37 11.31
N GLY A 120 7.77 27.24 11.89
CA GLY A 120 8.21 26.11 11.09
C GLY A 120 7.02 25.40 10.48
N GLY A 121 7.28 24.28 9.82
CA GLY A 121 6.23 23.50 9.21
C GLY A 121 5.70 22.35 10.02
N ASN A 122 6.04 22.26 11.30
CA ASN A 122 5.53 21.19 12.15
C ASN A 122 4.01 21.32 12.28
N TYR A 123 3.33 20.18 12.46
CA TYR A 123 1.87 20.20 12.48
C TYR A 123 1.32 20.97 13.67
N ASP A 124 1.96 20.84 14.85
CA ASP A 124 1.43 21.48 16.05
C ASP A 124 1.12 22.95 15.79
N ARG A 125 2.10 23.67 15.25
CA ARG A 125 1.95 25.11 15.05
C ARG A 125 0.99 25.40 13.90
N LEU A 126 1.09 24.64 12.81
CA LEU A 126 0.20 24.85 11.68
C LEU A 126 -1.26 24.64 12.09
N GLU A 127 -1.52 23.59 12.89
CA GLU A 127 -2.87 23.39 13.42
C GLU A 127 -3.31 24.58 14.26
N GLN A 128 -2.41 25.08 15.13
CA GLN A 128 -2.72 26.27 15.90
C GLN A 128 -3.11 27.42 14.98
N LEU A 129 -2.33 27.62 13.92
CA LEU A 129 -2.60 28.74 13.03
C LEU A 129 -3.88 28.51 12.24
N ALA A 130 -4.11 27.27 11.80
CA ALA A 130 -5.29 26.99 11.00
C ALA A 130 -6.56 27.05 11.82
N GLY A 131 -6.46 26.86 13.14
CA GLY A 131 -7.62 26.75 13.98
C GLY A 131 -8.28 25.40 13.93
N ASN A 132 -7.58 24.37 13.47
CA ASN A 132 -8.14 23.04 13.35
C ASN A 132 -7.03 22.02 13.43
N LEU A 133 -7.32 20.90 14.09
CA LEU A 133 -6.42 19.76 14.07
C LEU A 133 -6.49 19.06 12.72
N ARG A 134 -5.48 18.22 12.46
CA ARG A 134 -5.51 17.40 11.26
C ARG A 134 -6.79 16.57 11.16
N GLU A 135 -7.26 16.02 12.28
CA GLU A 135 -8.45 15.17 12.21
C GLU A 135 -9.71 15.93 11.80
N ASN A 136 -9.66 17.24 11.65
CA ASN A 136 -10.83 18.00 11.20
C ASN A 136 -10.52 18.81 9.95
N ILE A 137 -9.52 18.41 9.18
CA ILE A 137 -9.20 19.06 7.90
C ILE A 137 -9.30 18.01 6.80
N GLU A 138 -10.24 18.21 5.89
CA GLU A 138 -10.44 17.21 4.86
C GLU A 138 -9.29 17.21 3.85
N LEU A 139 -8.98 16.02 3.37
CA LEU A 139 -7.97 15.78 2.35
C LEU A 139 -8.66 15.19 1.13
N GLY A 140 -7.99 15.27 -0.01
CA GLY A 140 -8.58 14.80 -1.25
C GLY A 140 -8.28 15.74 -2.39
N ASN A 141 -8.79 15.45 -3.59
CA ASN A 141 -8.44 16.27 -4.73
C ASN A 141 -9.08 17.65 -4.64
N GLY A 142 -10.31 17.72 -4.16
CA GLY A 142 -10.97 18.99 -3.90
C GLY A 142 -10.17 19.88 -2.93
N PRO A 143 -9.89 19.37 -1.73
CA PRO A 143 -9.04 20.13 -0.80
C PRO A 143 -7.71 20.56 -1.40
N LEU A 144 -7.09 19.71 -2.21
CA LEU A 144 -5.80 20.09 -2.78
C LEU A 144 -5.98 21.19 -3.82
N GLU A 145 -7.03 21.08 -4.66
CA GLU A 145 -7.36 22.14 -5.60
C GLU A 145 -7.50 23.48 -4.89
N GLU A 146 -8.17 23.47 -3.74
CA GLU A 146 -8.40 24.70 -2.99
C GLU A 146 -7.13 25.19 -2.31
N ALA A 147 -6.30 24.25 -1.84
CA ALA A 147 -5.05 24.62 -1.21
C ALA A 147 -4.12 25.31 -2.21
N ILE A 148 -4.12 24.84 -3.46
CA ILE A 148 -3.26 25.43 -4.48
C ILE A 148 -3.68 26.87 -4.75
N SER A 149 -4.99 27.11 -4.87
CA SER A 149 -5.48 28.47 -5.05
C SER A 149 -5.10 29.34 -3.86
N ALA A 150 -5.30 28.82 -2.65
CA ALA A 150 -4.97 29.58 -1.44
C ALA A 150 -3.50 29.93 -1.40
N LEU A 151 -2.62 28.95 -1.66
CA LEU A 151 -1.19 29.23 -1.69
C LEU A 151 -0.87 30.30 -2.72
N TYR A 152 -1.49 30.19 -3.90
CA TYR A 152 -1.22 31.17 -4.94
C TYR A 152 -1.63 32.58 -4.49
N TYR A 153 -2.84 32.73 -3.97
CA TYR A 153 -3.36 34.06 -3.69
C TYR A 153 -2.77 34.67 -2.41
N TYR A 154 -2.02 33.90 -1.63
CA TYR A 154 -1.30 34.51 -0.52
C TYR A 154 -0.34 35.59 -1.02
N SER A 155 0.25 35.39 -2.21
CA SER A 155 1.23 36.36 -2.69
C SER A 155 0.59 37.67 -3.09
N THR A 156 -0.69 37.67 -3.45
CA THR A 156 -1.38 38.87 -3.88
C THR A 156 -2.22 39.49 -2.77
N GLY A 157 -2.11 39.00 -1.54
CA GLY A 157 -2.90 39.54 -0.46
C GLY A 157 -4.28 38.92 -0.30
N GLY A 158 -4.63 37.91 -1.08
CA GLY A 158 -5.96 37.34 -1.03
C GLY A 158 -6.20 36.17 -0.09
N THR A 159 -5.19 35.75 0.69
CA THR A 159 -5.31 34.60 1.57
C THR A 159 -4.84 35.01 2.95
N GLN A 160 -5.65 34.73 3.98
CA GLN A 160 -5.18 35.04 5.31
C GLN A 160 -4.51 33.81 5.94
N LEU A 161 -3.81 34.07 7.05
CA LEU A 161 -2.92 33.07 7.64
C LEU A 161 -3.60 31.75 7.99
N PRO A 162 -4.78 31.73 8.64
CA PRO A 162 -5.38 30.42 8.96
C PRO A 162 -5.64 29.56 7.74
N THR A 163 -6.09 30.16 6.63
CA THR A 163 -6.29 29.41 5.40
C THR A 163 -4.96 28.95 4.80
N LEU A 164 -3.93 29.79 4.90
CA LEU A 164 -2.60 29.39 4.46
C LEU A 164 -2.12 28.18 5.25
N ALA A 165 -2.26 28.23 6.57
CA ALA A 165 -1.84 27.12 7.43
C ALA A 165 -2.59 25.84 7.05
N ARG A 166 -3.91 25.93 6.89
CA ARG A 166 -4.68 24.76 6.50
C ARG A 166 -4.23 24.22 5.15
N SER A 167 -3.88 25.10 4.22
CA SER A 167 -3.42 24.67 2.90
C SER A 167 -2.08 23.96 2.98
N PHE A 168 -1.17 24.44 3.83
CA PHE A 168 0.08 23.71 4.06
C PHE A 168 -0.20 22.31 4.60
N ILE A 169 -1.09 22.21 5.58
CA ILE A 169 -1.43 20.91 6.17
C ILE A 169 -1.95 19.96 5.10
N ILE A 170 -2.78 20.45 4.19
CA ILE A 170 -3.28 19.63 3.10
C ILE A 170 -2.15 19.17 2.19
N CYS A 171 -1.29 20.11 1.74
CA CYS A 171 -0.27 19.75 0.76
C CYS A 171 0.78 18.83 1.37
N ILE A 172 1.17 19.07 2.63
CA ILE A 172 2.21 18.29 3.26
C ILE A 172 1.78 16.83 3.37
N GLN A 173 0.53 16.61 3.76
CA GLN A 173 0.05 15.24 3.89
C GLN A 173 -0.13 14.58 2.54
N MET A 174 -0.69 15.31 1.57
CA MET A 174 -0.98 14.68 0.28
C MET A 174 0.26 14.52 -0.58
N ILE A 175 1.38 15.15 -0.21
CA ILE A 175 2.59 15.04 -1.03
C ILE A 175 3.72 14.41 -0.21
N SER A 176 4.12 15.07 0.88
CA SER A 176 5.22 14.59 1.70
C SER A 176 4.86 13.28 2.43
N GLU A 177 3.73 13.25 3.13
CA GLU A 177 3.40 12.02 3.86
C GLU A 177 3.04 10.89 2.91
N ALA A 178 2.46 11.21 1.75
CA ALA A 178 2.14 10.15 0.79
C ALA A 178 3.41 9.56 0.18
N ALA A 179 4.42 10.41 -0.07
CA ALA A 179 5.72 9.90 -0.50
C ALA A 179 6.35 9.03 0.56
N ARG A 180 6.18 9.41 1.82
CA ARG A 180 6.81 8.68 2.91
C ARG A 180 6.16 7.32 3.16
N PHE A 181 4.86 7.19 2.89
CA PHE A 181 4.08 6.02 3.30
C PHE A 181 3.20 5.53 2.16
N GLN A 182 3.43 4.29 1.67
CA GLN A 182 2.44 3.69 0.74
C GLN A 182 1.04 3.75 1.34
N TYR A 183 0.95 3.58 2.66
CA TYR A 183 -0.36 3.58 3.30
C TYR A 183 -1.09 4.90 3.09
N ILE A 184 -0.37 6.01 3.22
CA ILE A 184 -1.01 7.31 3.08
C ILE A 184 -1.21 7.65 1.61
N GLU A 185 -0.30 7.23 0.73
CA GLU A 185 -0.59 7.33 -0.70
C GLU A 185 -1.88 6.58 -1.03
N GLY A 186 -2.05 5.38 -0.47
CA GLY A 186 -3.27 4.62 -0.74
C GLY A 186 -4.51 5.35 -0.25
N GLU A 187 -4.41 6.03 0.89
CA GLU A 187 -5.54 6.79 1.43
C GLU A 187 -5.96 7.91 0.48
N MET A 188 -4.98 8.58 -0.14
CA MET A 188 -5.32 9.68 -1.05
C MET A 188 -5.84 9.12 -2.37
N ARG A 189 -5.28 7.99 -2.80
CA ARG A 189 -5.82 7.25 -3.92
C ARG A 189 -7.30 6.95 -3.74
N THR A 190 -7.69 6.49 -2.54
CA THR A 190 -9.08 6.16 -2.27
C THR A 190 -9.98 7.39 -2.41
N ARG A 191 -9.53 8.53 -1.88
CA ARG A 191 -10.34 9.74 -1.99
C ARG A 191 -10.56 10.14 -3.43
N ILE A 192 -9.53 10.03 -4.27
CA ILE A 192 -9.71 10.28 -5.69
C ILE A 192 -10.63 9.23 -6.31
N ARG A 193 -10.42 7.96 -5.97
CA ARG A 193 -11.17 6.89 -6.61
C ARG A 193 -12.67 7.11 -6.48
N TYR A 194 -13.11 7.51 -5.29
CA TYR A 194 -14.54 7.66 -5.02
C TYR A 194 -15.00 9.12 -5.07
N ASN A 195 -14.15 10.04 -5.51
CA ASN A 195 -14.45 11.48 -5.53
C ASN A 195 -15.02 11.92 -4.18
N ARG A 196 -14.26 11.65 -3.13
CA ARG A 196 -14.63 11.97 -1.77
C ARG A 196 -13.52 12.79 -1.14
N ARG A 197 -13.91 13.72 -0.27
CA ARG A 197 -12.96 14.39 0.61
C ARG A 197 -13.28 13.96 2.03
N SER A 198 -12.24 13.77 2.84
CA SER A 198 -12.45 13.44 4.24
C SER A 198 -11.13 13.61 4.98
N ALA A 199 -11.25 13.90 6.27
CA ALA A 199 -10.10 14.07 7.13
C ALA A 199 -9.41 12.73 7.33
N PRO A 200 -8.10 12.74 7.59
CA PRO A 200 -7.39 11.47 7.85
C PRO A 200 -7.84 10.83 9.15
N ASP A 201 -8.01 9.50 9.12
N ASP A 201 -8.03 9.50 9.13
CA ASP A 201 -8.38 8.74 10.30
CA ASP A 201 -8.41 8.77 10.33
C ASP A 201 -7.19 8.65 11.26
C ASP A 201 -7.19 8.63 11.25
N PRO A 202 -7.39 8.14 12.49
CA PRO A 202 -6.25 8.06 13.43
C PRO A 202 -5.08 7.21 12.95
N SER A 203 -5.30 6.19 12.13
CA SER A 203 -4.17 5.42 11.63
C SER A 203 -3.24 6.30 10.81
N VAL A 204 -3.80 7.21 10.01
CA VAL A 204 -2.99 8.08 9.19
C VAL A 204 -2.23 9.08 10.05
N ILE A 205 -2.93 9.73 10.98
CA ILE A 205 -2.30 10.76 11.81
C ILE A 205 -1.16 10.16 12.62
N THR A 206 -1.39 8.99 13.22
CA THR A 206 -0.36 8.39 14.05
C THR A 206 0.84 7.95 13.23
N LEU A 207 0.62 7.45 12.00
CA LEU A 207 1.76 7.16 11.15
C LEU A 207 2.60 8.41 10.92
N GLU A 208 1.93 9.51 10.54
CA GLU A 208 2.64 10.78 10.35
C GLU A 208 3.44 11.15 11.59
N ASN A 209 2.82 11.02 12.77
CA ASN A 209 3.49 11.41 14.00
C ASN A 209 4.68 10.51 14.32
N SER A 210 4.70 9.30 13.77
CA SER A 210 5.66 8.27 14.16
C SER A 210 6.77 8.08 13.15
N TRP A 211 6.77 8.84 12.05
CA TRP A 211 7.68 8.57 10.94
C TRP A 211 9.14 8.64 11.40
N GLY A 212 9.49 9.69 12.14
CA GLY A 212 10.85 9.80 12.65
C GLY A 212 11.23 8.64 13.55
N ARG A 213 10.34 8.27 14.48
CA ARG A 213 10.67 7.19 15.41
C ARG A 213 10.70 5.84 14.72
N LEU A 214 9.85 5.64 13.70
CA LEU A 214 9.91 4.40 12.93
C LEU A 214 11.22 4.28 12.18
N SER A 215 11.70 5.39 11.59
CA SER A 215 12.96 5.34 10.87
C SER A 215 14.09 4.94 11.81
N THR A 216 14.12 5.53 12.99
CA THR A 216 15.12 5.20 13.99
C THR A 216 15.01 3.74 14.41
N ALA A 217 13.79 3.27 14.71
CA ALA A 217 13.61 1.91 15.20
C ALA A 217 14.08 0.88 14.18
N ILE A 218 13.73 1.08 12.90
CA ILE A 218 14.11 0.13 11.85
C ILE A 218 15.61 0.13 11.64
N GLN A 219 16.23 1.31 11.58
CA GLN A 219 17.66 1.35 11.30
C GLN A 219 18.50 0.92 12.49
N GLU A 220 17.96 1.04 13.70
CA GLU A 220 18.68 0.60 14.89
C GLU A 220 18.28 -0.79 15.32
N SER A 221 17.42 -1.46 14.55
CA SER A 221 16.95 -2.78 14.95
C SER A 221 18.05 -3.82 14.85
N ASN A 222 17.94 -4.87 15.66
CA ASN A 222 18.73 -6.07 15.47
C ASN A 222 17.95 -6.95 14.50
N GLN A 223 18.34 -6.90 13.23
CA GLN A 223 17.77 -7.76 12.21
C GLN A 223 16.24 -7.60 12.12
N GLY A 224 15.77 -6.36 12.26
CA GLY A 224 14.35 -6.07 12.12
C GLY A 224 13.57 -6.03 13.42
N ALA A 225 14.09 -6.63 14.50
CA ALA A 225 13.42 -6.58 15.79
C ALA A 225 13.78 -5.29 16.51
N PHE A 226 12.76 -4.57 16.99
CA PHE A 226 12.99 -3.27 17.61
C PHE A 226 13.49 -3.43 19.04
N ALA A 227 14.26 -2.44 19.50
CA ALA A 227 14.64 -2.42 20.91
C ALA A 227 13.46 -2.07 21.81
N SER A 228 12.53 -1.25 21.32
CA SER A 228 11.31 -0.95 22.07
C SER A 228 10.19 -0.72 21.06
N PRO A 229 8.94 -0.95 21.47
CA PRO A 229 7.84 -0.90 20.50
C PRO A 229 7.53 0.51 20.02
N ILE A 230 6.86 0.58 18.86
CA ILE A 230 6.24 1.80 18.37
C ILE A 230 4.73 1.59 18.42
N GLN A 231 4.01 2.49 19.07
CA GLN A 231 2.56 2.37 19.16
C GLN A 231 1.90 3.06 17.97
N LEU A 232 0.97 2.36 17.32
CA LEU A 232 0.23 2.87 16.18
C LEU A 232 -1.26 2.75 16.47
N GLN A 233 -2.08 3.26 15.57
CA GLN A 233 -3.52 3.15 15.74
C GLN A 233 -4.16 2.55 14.50
N ARG A 234 -5.25 1.82 14.73
CA ARG A 234 -6.16 1.37 13.69
C ARG A 234 -7.03 2.52 13.21
N ARG A 235 -7.74 2.30 12.10
CA ARG A 235 -8.64 3.33 11.59
C ARG A 235 -9.70 3.74 12.63
N ASN A 236 -10.08 2.83 13.53
CA ASN A 236 -11.10 3.19 14.52
C ASN A 236 -10.52 3.81 15.77
N GLY A 237 -9.22 4.12 15.80
CA GLY A 237 -8.62 4.74 16.95
C GLY A 237 -8.02 3.80 17.98
N SER A 238 -8.30 2.50 17.90
CA SER A 238 -7.72 1.57 18.85
C SER A 238 -6.20 1.46 18.64
N LYS A 239 -5.48 1.19 19.72
CA LYS A 239 -4.03 1.23 19.73
C LYS A 239 -3.46 -0.18 19.66
N PHE A 240 -2.29 -0.29 19.00
CA PHE A 240 -1.55 -1.54 19.01
C PHE A 240 -0.07 -1.18 18.85
N SER A 241 0.78 -2.12 19.22
CA SER A 241 2.22 -1.90 19.25
C SER A 241 2.88 -2.71 18.14
N VAL A 242 3.97 -2.17 17.60
CA VAL A 242 4.77 -2.84 16.58
C VAL A 242 6.17 -3.04 17.14
N TYR A 243 6.64 -4.29 17.09
CA TYR A 243 7.93 -4.66 17.66
C TYR A 243 8.95 -5.07 16.60
N ASP A 244 8.57 -5.05 15.32
CA ASP A 244 9.44 -5.62 14.30
C ASP A 244 9.04 -5.03 12.96
N VAL A 245 10.01 -4.99 12.03
CA VAL A 245 9.84 -4.26 10.78
C VAL A 245 8.85 -4.94 9.82
N SER A 246 8.56 -6.23 10.03
CA SER A 246 7.85 -7.02 9.03
C SER A 246 6.55 -6.35 8.57
N ILE A 247 5.68 -5.95 9.51
CA ILE A 247 4.40 -5.40 9.08
C ILE A 247 4.58 -4.02 8.43
N LEU A 248 5.70 -3.37 8.66
CA LEU A 248 5.91 -2.02 8.16
C LEU A 248 6.41 -1.97 6.73
N ILE A 249 6.94 -3.09 6.22
CA ILE A 249 7.52 -3.09 4.88
C ILE A 249 6.54 -2.58 3.84
N PRO A 250 5.26 -2.98 3.82
CA PRO A 250 4.33 -2.38 2.85
C PRO A 250 3.76 -1.03 3.26
N ILE A 251 4.05 -0.56 4.47
CA ILE A 251 3.43 0.63 5.04
C ILE A 251 4.32 1.86 4.86
N ILE A 252 5.64 1.72 5.00
CA ILE A 252 6.59 2.81 4.92
C ILE A 252 7.38 2.70 3.61
N ALA A 253 7.49 3.80 2.90
CA ALA A 253 8.20 3.85 1.62
C ALA A 253 9.55 4.53 1.68
N LEU A 254 9.77 5.43 2.65
CA LEU A 254 11.02 6.18 2.79
C LEU A 254 11.30 6.38 4.28
N MET A 255 12.58 6.36 4.65
CA MET A 255 13.00 6.68 6.00
C MET A 255 14.04 7.80 5.98
N VAL A 256 14.01 8.67 7.01
CA VAL A 256 15.09 9.62 7.20
C VAL A 256 16.36 8.86 7.59
N TYR A 257 17.49 9.29 7.03
CA TYR A 257 18.78 8.70 7.38
C TYR A 257 19.10 8.98 8.84
N ARG A 258 19.28 7.89 9.60
CA ARG A 258 19.65 7.97 11.02
C ARG A 258 21.09 7.56 11.29
N CYS A 259 21.64 6.54 10.63
CA CYS A 259 23.03 6.21 10.90
C CYS A 259 23.53 5.44 9.70
N ALA A 260 24.80 5.04 9.76
CA ALA A 260 25.43 4.29 8.68
C ALA A 260 25.34 2.77 8.92
N PRO A 261 25.10 1.98 7.86
CA PRO A 261 25.26 0.52 7.99
C PRO A 261 26.72 0.07 8.04
N ASP B 2 29.23 7.02 10.82
CA ASP B 2 28.64 6.92 12.15
C ASP B 2 27.67 5.74 12.23
N VAL B 3 28.13 4.63 12.80
CA VAL B 3 27.49 3.33 12.59
C VAL B 3 26.25 3.19 13.47
N CYS B 4 25.24 2.48 12.96
CA CYS B 4 24.01 2.28 13.73
C CYS B 4 24.29 1.39 14.94
N MET B 5 23.72 1.79 16.07
CA MET B 5 23.67 0.97 17.27
C MET B 5 23.09 -0.41 16.96
N ASP B 6 23.59 -1.42 17.66
CA ASP B 6 23.07 -2.78 17.50
C ASP B 6 22.59 -3.25 18.87
N PRO B 7 21.30 -3.16 19.14
CA PRO B 7 20.80 -3.49 20.48
C PRO B 7 20.52 -4.97 20.57
N GLU B 8 20.10 -5.41 21.76
CA GLU B 8 19.81 -6.81 22.01
C GLU B 8 18.37 -6.87 22.55
N PRO B 9 17.38 -6.76 21.67
CA PRO B 9 15.98 -6.85 22.10
C PRO B 9 15.66 -8.20 22.73
N ILE B 10 14.73 -8.16 23.68
CA ILE B 10 14.14 -9.36 24.28
C ILE B 10 12.72 -9.49 23.74
N VAL B 11 12.44 -10.58 23.02
CA VAL B 11 11.12 -10.73 22.39
C VAL B 11 10.72 -12.20 22.40
N ARG B 12 9.42 -12.43 22.25
CA ARG B 12 9.00 -13.79 21.90
C ARG B 12 9.32 -14.06 20.44
N ILE B 13 9.28 -15.33 20.05
CA ILE B 13 9.40 -15.70 18.65
C ILE B 13 8.17 -16.51 18.33
N VAL B 14 7.31 -15.94 17.49
CA VAL B 14 6.02 -16.50 17.13
C VAL B 14 6.15 -17.14 15.75
N GLY B 15 5.54 -18.30 15.59
CA GLY B 15 5.67 -19.04 14.35
C GLY B 15 4.40 -19.77 14.00
N ARG B 16 4.54 -21.02 13.56
CA ARG B 16 3.44 -21.80 13.00
C ARG B 16 2.19 -21.74 13.87
N ASN B 17 1.06 -21.45 13.22
CA ASN B 17 -0.26 -21.41 13.86
C ASN B 17 -0.30 -20.40 15.00
N GLY B 18 0.60 -19.43 15.02
CA GLY B 18 0.58 -18.46 16.11
C GLY B 18 1.15 -18.95 17.42
N LEU B 19 1.85 -20.07 17.43
CA LEU B 19 2.44 -20.56 18.67
C LEU B 19 3.83 -19.95 18.86
N CYS B 20 4.37 -20.09 20.08
CA CYS B 20 5.62 -19.44 20.47
C CYS B 20 6.76 -20.45 20.64
N VAL B 21 7.98 -19.99 20.35
CA VAL B 21 9.19 -20.75 20.65
C VAL B 21 9.38 -20.82 22.17
N ASP B 22 9.55 -22.04 22.68
CA ASP B 22 9.33 -22.32 24.09
C ASP B 22 10.31 -23.38 24.57
N VAL B 23 11.16 -23.05 25.56
CA VAL B 23 12.02 -24.07 26.17
C VAL B 23 11.14 -24.97 27.04
N ARG B 24 11.08 -26.25 26.68
CA ARG B 24 10.08 -27.16 27.21
C ARG B 24 10.11 -27.25 28.74
N ASP B 25 8.95 -27.04 29.36
CA ASP B 25 8.73 -27.12 30.80
C ASP B 25 9.50 -26.07 31.57
N GLY B 26 10.03 -25.05 30.91
CA GLY B 26 10.86 -24.08 31.61
C GLY B 26 12.11 -24.67 32.24
N ARG B 27 12.61 -25.77 31.72
CA ARG B 27 13.83 -26.38 32.24
C ARG B 27 15.00 -26.12 31.31
N PHE B 28 16.18 -25.91 31.89
CA PHE B 28 17.28 -25.33 31.15
C PHE B 28 18.56 -26.17 31.21
N HIS B 29 18.45 -27.44 31.61
CA HIS B 29 19.59 -28.33 31.47
C HIS B 29 19.95 -28.48 29.99
N ASN B 30 21.24 -28.64 29.71
CA ASN B 30 21.72 -28.78 28.34
C ASN B 30 20.98 -29.90 27.61
N GLY B 31 20.58 -29.63 26.37
CA GLY B 31 19.93 -30.63 25.55
C GLY B 31 18.43 -30.69 25.68
N ASN B 32 17.83 -29.94 26.60
CA ASN B 32 16.37 -29.92 26.66
C ASN B 32 15.81 -29.33 25.39
N ALA B 33 14.72 -29.92 24.89
CA ALA B 33 14.19 -29.54 23.59
C ALA B 33 13.50 -28.18 23.63
N ILE B 34 13.60 -27.47 22.52
CA ILE B 34 12.78 -26.29 22.23
C ILE B 34 11.54 -26.76 21.48
N GLN B 35 10.39 -26.13 21.75
CA GLN B 35 9.13 -26.61 21.21
C GLN B 35 8.24 -25.43 20.82
N LEU B 36 7.14 -25.74 20.13
CA LEU B 36 6.01 -24.82 20.00
C LEU B 36 5.11 -24.93 21.22
N TRP B 37 4.65 -23.79 21.70
CA TRP B 37 3.74 -23.79 22.85
C TRP B 37 2.90 -22.53 22.76
N PRO B 38 1.65 -22.55 23.24
CA PRO B 38 0.85 -21.32 23.22
C PRO B 38 1.59 -20.17 23.88
N CYS B 39 1.55 -19.01 23.24
CA CYS B 39 2.27 -17.84 23.74
C CYS B 39 1.72 -17.43 25.11
N LYS B 40 2.63 -17.29 26.07
CA LYS B 40 2.24 -16.79 27.38
C LYS B 40 2.11 -15.27 27.34
N SER B 41 1.46 -14.73 28.39
CA SER B 41 1.42 -13.31 28.62
C SER B 41 2.26 -12.88 29.81
N ASN B 42 2.86 -13.82 30.54
CA ASN B 42 3.63 -13.49 31.72
C ASN B 42 5.11 -13.27 31.38
N THR B 43 5.94 -13.15 32.40
CA THR B 43 7.36 -12.87 32.24
C THR B 43 8.24 -14.12 32.30
N ASP B 44 7.66 -15.30 32.11
CA ASP B 44 8.47 -16.53 32.17
C ASP B 44 9.59 -16.47 31.14
N ALA B 45 10.80 -16.81 31.59
CA ALA B 45 12.00 -16.73 30.77
C ALA B 45 11.92 -17.63 29.54
N ASN B 46 11.31 -18.82 29.68
CA ASN B 46 11.38 -19.84 28.65
C ASN B 46 10.72 -19.46 27.32
N GLN B 47 10.04 -18.30 27.24
CA GLN B 47 9.51 -17.82 25.96
C GLN B 47 10.05 -16.44 25.58
N LEU B 48 11.00 -15.90 26.33
CA LEU B 48 11.55 -14.58 26.09
C LEU B 48 12.99 -14.73 25.62
N TRP B 49 13.26 -14.29 24.40
CA TRP B 49 14.52 -14.55 23.72
C TRP B 49 15.29 -13.26 23.51
N THR B 50 16.55 -13.23 23.96
CA THR B 50 17.40 -12.08 23.74
C THR B 50 18.16 -12.27 22.43
N LEU B 51 18.02 -11.32 21.52
CA LEU B 51 18.68 -11.40 20.22
C LEU B 51 20.06 -10.75 20.39
N LYS B 52 21.05 -11.56 20.75
CA LYS B 52 22.35 -11.02 21.12
C LYS B 52 23.12 -10.54 19.89
N ARG B 53 24.05 -9.61 20.14
CA ARG B 53 24.86 -9.00 19.09
C ARG B 53 25.75 -10.01 18.36
N ASP B 54 26.07 -11.14 18.99
CA ASP B 54 26.91 -12.17 18.40
C ASP B 54 26.11 -13.19 17.60
N ASN B 55 24.87 -12.85 17.25
CA ASN B 55 23.96 -13.70 16.47
C ASN B 55 23.54 -14.95 17.24
N THR B 56 23.62 -14.93 18.56
CA THR B 56 22.96 -15.98 19.34
C THR B 56 21.55 -15.53 19.74
N ILE B 57 20.72 -16.51 20.09
CA ILE B 57 19.34 -16.28 20.49
C ILE B 57 19.19 -16.98 21.83
N ARG B 58 19.05 -16.21 22.91
CA ARG B 58 19.26 -16.72 24.26
C ARG B 58 18.02 -16.59 25.14
N SER B 59 17.76 -17.62 25.93
CA SER B 59 16.72 -17.62 26.95
C SER B 59 17.37 -18.02 28.27
N ASN B 60 17.11 -17.23 29.31
CA ASN B 60 17.70 -17.45 30.63
C ASN B 60 19.21 -17.62 30.52
N GLY B 61 19.84 -16.90 29.60
CA GLY B 61 21.28 -16.94 29.46
C GLY B 61 21.85 -18.11 28.68
N LYS B 62 21.02 -19.06 28.21
CA LYS B 62 21.50 -20.18 27.41
C LYS B 62 21.03 -20.03 25.97
N CYS B 63 21.64 -20.80 25.07
CA CYS B 63 21.51 -20.56 23.63
C CYS B 63 20.53 -21.51 22.97
N LEU B 64 19.72 -20.96 22.07
CA LEU B 64 19.04 -21.75 21.06
C LEU B 64 20.08 -22.42 20.16
N THR B 65 20.07 -23.75 20.10
CA THR B 65 21.18 -24.51 19.53
C THR B 65 20.66 -25.64 18.66
N THR B 66 21.20 -25.76 17.44
CA THR B 66 20.80 -26.90 16.63
C THR B 66 21.60 -28.12 17.07
N TYR B 67 20.92 -29.27 17.09
CA TYR B 67 21.61 -30.50 17.48
C TYR B 67 22.65 -30.91 16.46
N GLY B 68 22.46 -30.51 15.21
CA GLY B 68 23.40 -30.90 14.17
C GLY B 68 23.16 -30.10 12.91
N TYR B 69 23.85 -30.50 11.85
CA TYR B 69 23.91 -29.77 10.60
C TYR B 69 23.26 -30.53 9.45
N SER B 70 22.40 -31.49 9.75
CA SER B 70 21.73 -32.17 8.66
C SER B 70 20.22 -32.08 8.86
N PRO B 71 19.42 -32.17 7.79
CA PRO B 71 17.99 -31.86 7.89
C PRO B 71 17.25 -32.81 8.82
N GLY B 72 16.36 -32.26 9.65
CA GLY B 72 15.48 -33.05 10.48
C GLY B 72 15.90 -33.22 11.94
N VAL B 73 17.10 -32.76 12.35
CA VAL B 73 17.53 -32.94 13.73
C VAL B 73 16.93 -31.85 14.62
N TYR B 74 16.89 -32.12 15.93
CA TYR B 74 16.11 -31.25 16.81
C TYR B 74 16.91 -30.01 17.26
N VAL B 75 16.19 -29.07 17.85
CA VAL B 75 16.77 -27.83 18.33
C VAL B 75 16.55 -27.78 19.85
N MET B 76 17.56 -27.31 20.56
CA MET B 76 17.66 -27.51 21.99
C MET B 76 18.20 -26.25 22.65
N ILE B 77 18.05 -26.18 23.97
CA ILE B 77 18.73 -25.18 24.78
C ILE B 77 20.10 -25.74 25.17
N TYR B 78 21.12 -24.89 25.16
CA TYR B 78 22.46 -25.36 25.49
C TYR B 78 23.32 -24.21 25.99
N ASP B 79 24.19 -24.50 26.96
CA ASP B 79 25.21 -23.56 27.41
C ASP B 79 25.94 -22.96 26.21
N CYS B 80 25.93 -21.61 26.13
CA CYS B 80 26.49 -20.95 24.94
C CYS B 80 27.99 -21.19 24.78
N ASN B 81 28.73 -21.39 25.87
CA ASN B 81 30.18 -21.54 25.71
C ASN B 81 30.63 -22.98 25.55
N THR B 82 29.88 -23.95 26.06
CA THR B 82 30.24 -25.34 25.81
C THR B 82 29.55 -25.93 24.58
N ALA B 83 28.49 -25.32 24.07
CA ALA B 83 27.96 -25.76 22.78
C ALA B 83 29.00 -25.47 21.69
N ALA B 84 28.92 -26.23 20.61
CA ALA B 84 29.65 -25.87 19.40
C ALA B 84 29.18 -24.50 18.93
N THR B 85 30.15 -23.59 18.73
CA THR B 85 29.79 -22.20 18.46
C THR B 85 28.93 -22.06 17.21
N ASP B 86 29.28 -22.79 16.12
CA ASP B 86 28.49 -22.68 14.90
C ASP B 86 27.04 -23.10 15.11
N ALA B 87 26.80 -24.02 16.04
CA ALA B 87 25.43 -24.47 16.27
C ALA B 87 24.57 -23.47 17.01
N THR B 88 25.16 -22.41 17.59
CA THR B 88 24.37 -21.41 18.30
C THR B 88 24.13 -20.16 17.47
N ARG B 89 24.58 -20.14 16.22
CA ARG B 89 24.51 -18.94 15.39
C ARG B 89 23.27 -18.98 14.52
N TRP B 90 22.59 -17.84 14.41
CA TRP B 90 21.37 -17.73 13.62
C TRP B 90 21.32 -16.34 12.98
N GLN B 91 20.71 -16.27 11.80
CA GLN B 91 20.33 -14.99 11.20
C GLN B 91 18.82 -14.97 11.06
N ILE B 92 18.25 -13.80 11.29
CA ILE B 92 16.81 -13.59 11.22
C ILE B 92 16.57 -12.74 9.98
N TRP B 93 15.91 -13.33 8.99
CA TRP B 93 15.73 -12.68 7.70
C TRP B 93 14.45 -11.87 7.67
N ASP B 94 14.45 -10.79 6.87
CA ASP B 94 13.26 -9.97 6.71
C ASP B 94 12.07 -10.78 6.22
N ASN B 95 12.31 -11.83 5.45
CA ASN B 95 11.20 -12.64 4.97
C ASN B 95 10.77 -13.71 5.96
N GLY B 96 11.23 -13.64 7.22
CA GLY B 96 10.66 -14.45 8.27
C GLY B 96 11.39 -15.75 8.52
N THR B 97 12.48 -16.00 7.80
CA THR B 97 13.28 -17.21 7.96
C THR B 97 14.28 -17.01 9.08
N ILE B 98 14.48 -18.05 9.88
CA ILE B 98 15.55 -18.08 10.88
C ILE B 98 16.50 -19.20 10.50
N ILE B 99 17.71 -18.85 10.05
CA ILE B 99 18.61 -19.79 9.39
C ILE B 99 19.91 -19.94 10.21
N ASN B 100 20.44 -21.16 10.22
CA ASN B 100 21.72 -21.45 10.84
C ASN B 100 22.80 -21.38 9.77
N PRO B 101 23.69 -20.37 9.78
CA PRO B 101 24.61 -20.19 8.65
C PRO B 101 25.49 -21.39 8.37
N ARG B 102 25.99 -22.07 9.39
CA ARG B 102 26.91 -23.18 9.17
C ARG B 102 26.26 -24.26 8.31
N SER B 103 25.00 -24.59 8.60
CA SER B 103 24.34 -25.67 7.89
C SER B 103 23.45 -25.19 6.76
N SER B 104 23.13 -23.90 6.70
CA SER B 104 22.13 -23.32 5.81
C SER B 104 20.74 -23.93 6.01
N LEU B 105 20.50 -24.60 7.14
CA LEU B 105 19.19 -25.13 7.47
C LEU B 105 18.43 -24.12 8.31
N VAL B 106 17.10 -24.23 8.31
CA VAL B 106 16.27 -23.20 8.92
C VAL B 106 15.42 -23.80 10.02
N LEU B 107 15.15 -22.97 11.02
CA LEU B 107 14.30 -23.36 12.15
C LEU B 107 12.91 -23.70 11.65
N ALA B 108 12.35 -24.80 12.16
CA ALA B 108 11.11 -25.32 11.63
C ALA B 108 10.28 -25.97 12.72
N ALA B 109 8.96 -25.96 12.51
CA ALA B 109 8.03 -26.75 13.31
C ALA B 109 7.28 -27.66 12.33
N THR B 110 7.66 -28.94 12.26
CA THR B 110 7.07 -29.81 11.24
C THR B 110 5.71 -30.36 11.63
N SER B 111 5.24 -30.06 12.83
CA SER B 111 3.84 -30.23 13.17
C SER B 111 3.33 -28.91 13.73
N GLY B 112 2.01 -28.75 13.73
CA GLY B 112 1.40 -27.52 14.20
C GLY B 112 0.80 -27.58 15.60
N ASN B 113 0.97 -28.70 16.30
CA ASN B 113 0.41 -28.88 17.64
C ASN B 113 1.31 -28.28 18.71
N SER B 114 0.69 -27.90 19.83
CA SER B 114 1.43 -27.58 21.04
C SER B 114 2.32 -28.75 21.44
N GLY B 115 3.56 -28.45 21.83
CA GLY B 115 4.49 -29.48 22.24
C GLY B 115 5.35 -30.03 21.11
N THR B 116 5.11 -29.61 19.87
CA THR B 116 5.94 -30.02 18.74
C THR B 116 7.38 -29.61 18.96
N THR B 117 8.29 -30.59 18.96
CA THR B 117 9.71 -30.28 19.02
C THR B 117 10.21 -29.57 17.77
N LEU B 118 10.94 -28.48 17.95
CA LEU B 118 11.47 -27.75 16.80
C LEU B 118 12.67 -28.48 16.20
N THR B 119 12.84 -28.34 14.88
CA THR B 119 13.91 -28.98 14.15
C THR B 119 14.57 -27.96 13.21
N VAL B 120 15.69 -28.35 12.60
CA VAL B 120 16.23 -27.61 11.46
C VAL B 120 15.88 -28.38 10.21
N GLN B 121 15.57 -27.67 9.13
CA GLN B 121 15.12 -28.30 7.89
C GLN B 121 15.70 -27.57 6.68
N THR B 122 15.68 -28.26 5.55
CA THR B 122 16.00 -27.62 4.28
C THR B 122 14.99 -26.50 3.98
N ASN B 123 15.52 -25.32 3.64
CA ASN B 123 14.68 -24.15 3.43
C ASN B 123 13.78 -24.35 2.21
N ILE B 124 12.46 -24.28 2.39
CA ILE B 124 11.53 -24.29 1.27
C ILE B 124 10.54 -23.14 1.42
N TYR B 125 10.84 -22.20 2.33
CA TYR B 125 9.97 -21.07 2.64
C TYR B 125 8.54 -21.53 2.89
N ALA B 126 8.40 -22.57 3.70
CA ALA B 126 7.07 -23.03 4.05
C ALA B 126 6.58 -22.29 5.29
N VAL B 127 5.27 -22.36 5.50
CA VAL B 127 4.68 -21.80 6.71
C VAL B 127 5.28 -22.43 7.96
N SER B 128 5.65 -23.72 7.87
CA SER B 128 6.35 -24.37 8.98
C SER B 128 7.72 -23.78 9.27
N GLN B 129 8.20 -22.89 8.40
CA GLN B 129 9.50 -22.27 8.58
C GLN B 129 9.43 -20.76 8.73
N GLY B 130 8.25 -20.21 8.97
CA GLY B 130 8.07 -18.77 9.08
C GLY B 130 7.98 -18.35 10.53
N TRP B 131 8.69 -17.27 10.88
CA TRP B 131 8.78 -16.81 12.25
C TRP B 131 8.72 -15.30 12.29
N LEU B 132 8.40 -14.78 13.46
CA LEU B 132 8.45 -13.34 13.66
C LEU B 132 8.91 -13.04 15.09
N PRO B 133 10.00 -12.31 15.27
CA PRO B 133 10.39 -11.85 16.61
C PRO B 133 9.54 -10.66 17.00
N THR B 134 8.76 -10.79 18.06
CA THR B 134 7.79 -9.78 18.47
C THR B 134 7.22 -10.20 19.82
N ASN B 135 6.65 -9.23 20.52
CA ASN B 135 5.87 -9.51 21.72
C ASN B 135 4.37 -9.46 21.44
N ASN B 136 3.98 -9.23 20.19
CA ASN B 136 2.61 -9.43 19.73
C ASN B 136 2.26 -10.91 19.62
N THR B 137 1.32 -11.34 20.43
CA THR B 137 0.88 -12.72 20.36
C THR B 137 -0.33 -12.91 19.46
N GLN B 138 -0.87 -11.83 18.92
CA GLN B 138 -2.03 -11.95 18.06
C GLN B 138 -1.65 -11.66 16.63
N PRO B 139 -2.32 -12.28 15.68
CA PRO B 139 -2.11 -11.89 14.28
C PRO B 139 -2.61 -10.48 14.01
N PHE B 140 -2.07 -9.90 12.95
CA PHE B 140 -2.45 -8.59 12.46
C PHE B 140 -3.71 -8.73 11.60
N VAL B 141 -4.83 -8.16 12.06
CA VAL B 141 -6.11 -8.29 11.36
C VAL B 141 -6.33 -7.05 10.50
N THR B 142 -6.64 -7.26 9.23
CA THR B 142 -6.64 -6.17 8.26
C THR B 142 -7.55 -6.55 7.10
N THR B 143 -8.05 -5.54 6.39
CA THR B 143 -8.55 -5.81 5.04
C THR B 143 -7.40 -5.68 4.06
N ILE B 144 -7.58 -6.26 2.87
CA ILE B 144 -6.54 -6.28 1.84
C ILE B 144 -7.18 -5.73 0.57
N VAL B 145 -6.76 -4.54 0.17
CA VAL B 145 -7.39 -3.81 -0.92
C VAL B 145 -6.48 -3.88 -2.14
N GLY B 146 -7.08 -4.09 -3.31
CA GLY B 146 -6.31 -4.21 -4.53
C GLY B 146 -6.94 -3.48 -5.69
N LEU B 147 -6.96 -4.12 -6.86
CA LEU B 147 -7.38 -3.46 -8.10
C LEU B 147 -8.77 -2.82 -7.97
N TYR B 148 -8.89 -1.60 -8.51
CA TYR B 148 -10.10 -0.80 -8.52
C TYR B 148 -10.61 -0.51 -7.10
N GLY B 149 -9.72 -0.63 -6.12
CA GLY B 149 -10.10 -0.44 -4.73
C GLY B 149 -10.91 -1.56 -4.12
N LEU B 150 -10.93 -2.73 -4.77
CA LEU B 150 -11.74 -3.85 -4.32
C LEU B 150 -11.03 -4.61 -3.21
N CYS B 151 -11.83 -5.32 -2.40
CA CYS B 151 -11.36 -5.97 -1.17
C CYS B 151 -11.25 -7.47 -1.40
N LEU B 152 -10.11 -8.05 -0.99
CA LEU B 152 -9.97 -9.51 -1.01
C LEU B 152 -11.04 -10.13 -0.12
N GLN B 153 -11.75 -11.14 -0.63
CA GLN B 153 -12.89 -11.67 0.11
C GLN B 153 -12.88 -13.19 0.05
N ALA B 154 -13.19 -13.83 1.17
CA ALA B 154 -13.26 -15.29 1.26
C ALA B 154 -14.71 -15.75 1.24
N ASN B 155 -14.98 -16.80 0.47
CA ASN B 155 -16.31 -17.41 0.43
C ASN B 155 -16.07 -18.90 0.44
N SER B 156 -16.15 -19.50 1.63
CA SER B 156 -15.82 -20.90 1.85
C SER B 156 -14.41 -21.18 1.36
N GLY B 157 -14.28 -21.94 0.27
CA GLY B 157 -12.99 -22.30 -0.27
C GLY B 157 -12.46 -21.36 -1.33
N GLN B 158 -13.24 -20.37 -1.73
CA GLN B 158 -12.91 -19.50 -2.84
C GLN B 158 -12.48 -18.13 -2.34
N VAL B 159 -11.67 -17.46 -3.15
CA VAL B 159 -11.19 -16.12 -2.83
C VAL B 159 -11.23 -15.30 -4.10
N TRP B 160 -11.70 -14.06 -3.99
N TRP B 160 -11.65 -14.04 -3.98
CA TRP B 160 -11.74 -13.12 -5.09
CA TRP B 160 -11.72 -13.10 -5.09
C TRP B 160 -11.78 -11.71 -4.49
C TRP B 160 -11.83 -11.71 -4.49
N ILE B 161 -11.89 -10.69 -5.35
CA ILE B 161 -11.99 -9.31 -4.89
C ILE B 161 -13.38 -8.78 -5.18
N GLU B 162 -13.90 -7.98 -4.25
CA GLU B 162 -15.31 -7.60 -4.21
C GLU B 162 -15.37 -6.18 -3.66
N ASP B 163 -16.47 -5.46 -3.96
CA ASP B 163 -16.65 -4.13 -3.39
C ASP B 163 -16.47 -4.19 -1.87
N CYS B 164 -15.70 -3.25 -1.34
CA CYS B 164 -15.39 -3.24 0.08
C CYS B 164 -16.62 -2.88 0.91
N SER B 165 -16.83 -3.62 1.99
CA SER B 165 -17.81 -3.22 3.00
C SER B 165 -17.21 -3.52 4.36
N SER B 166 -17.17 -2.52 5.23
CA SER B 166 -16.60 -2.71 6.56
C SER B 166 -17.45 -3.65 7.40
N GLU B 167 -18.70 -3.90 7.01
CA GLU B 167 -19.54 -4.85 7.75
C GLU B 167 -19.17 -6.31 7.49
N LYS B 168 -18.30 -6.61 6.54
CA LYS B 168 -18.12 -7.98 6.05
C LYS B 168 -16.94 -8.65 6.73
N ALA B 169 -17.24 -9.58 7.64
CA ALA B 169 -16.18 -10.36 8.25
C ALA B 169 -15.40 -11.17 7.23
N GLU B 170 -16.04 -11.55 6.11
CA GLU B 170 -15.35 -12.32 5.06
C GLU B 170 -14.31 -11.49 4.31
N GLN B 171 -14.23 -10.19 4.56
CA GLN B 171 -13.19 -9.35 3.98
C GLN B 171 -12.09 -9.02 4.97
N GLN B 172 -12.12 -9.61 6.17
CA GLN B 172 -11.08 -9.43 7.17
C GLN B 172 -10.11 -10.60 7.15
N TRP B 173 -8.83 -10.30 7.28
CA TRP B 173 -7.75 -11.26 7.14
C TRP B 173 -6.81 -11.17 8.33
N ALA B 174 -6.38 -12.33 8.81
CA ALA B 174 -5.44 -12.43 9.92
C ALA B 174 -4.08 -12.76 9.35
N LEU B 175 -3.12 -11.84 9.52
CA LEU B 175 -1.75 -12.01 9.03
C LEU B 175 -0.95 -12.68 10.15
N TYR B 176 -0.73 -13.98 10.03
CA TYR B 176 -0.08 -14.73 11.10
C TYR B 176 1.44 -14.57 11.03
N ALA B 177 2.11 -14.81 12.17
CA ALA B 177 3.57 -14.68 12.26
C ALA B 177 4.30 -15.62 11.32
N ASP B 178 3.70 -16.78 11.01
CA ASP B 178 4.31 -17.79 10.16
C ASP B 178 4.21 -17.46 8.66
N GLY B 179 3.70 -16.28 8.30
CA GLY B 179 3.57 -15.89 6.90
C GLY B 179 2.27 -16.30 6.26
N SER B 180 1.38 -16.97 7.00
CA SER B 180 0.10 -17.39 6.45
C SER B 180 -0.90 -16.24 6.52
N ILE B 181 -1.83 -16.24 5.57
CA ILE B 181 -2.89 -15.24 5.51
C ILE B 181 -4.19 -16.00 5.68
N ARG B 182 -4.88 -15.74 6.79
CA ARG B 182 -5.97 -16.59 7.20
C ARG B 182 -7.27 -15.80 7.21
N PRO B 183 -8.35 -16.35 6.68
CA PRO B 183 -9.66 -15.68 6.77
C PRO B 183 -10.00 -15.51 8.24
N GLN B 184 -10.44 -14.31 8.59
CA GLN B 184 -10.72 -14.02 9.99
C GLN B 184 -11.75 -14.97 10.57
N GLN B 185 -12.70 -15.43 9.76
CA GLN B 185 -13.76 -16.27 10.28
C GLN B 185 -13.37 -17.75 10.40
N ASN B 186 -12.23 -18.17 9.86
CA ASN B 186 -11.80 -19.56 10.05
C ASN B 186 -10.27 -19.56 10.07
N ARG B 187 -9.72 -19.40 11.27
CA ARG B 187 -8.27 -19.31 11.45
C ARG B 187 -7.57 -20.64 11.25
N ASP B 188 -8.29 -21.73 11.01
CA ASP B 188 -7.65 -22.98 10.63
C ASP B 188 -7.48 -23.11 9.13
N ASN B 189 -7.95 -22.13 8.36
CA ASN B 189 -7.82 -22.06 6.90
C ASN B 189 -6.80 -21.00 6.51
N CYS B 190 -6.27 -21.14 5.30
CA CYS B 190 -5.11 -20.42 4.79
C CYS B 190 -5.30 -20.08 3.31
N LEU B 191 -4.92 -18.87 2.92
CA LEU B 191 -4.70 -18.54 1.51
C LEU B 191 -3.66 -19.50 0.92
N THR B 192 -4.07 -20.28 -0.08
CA THR B 192 -3.27 -21.42 -0.54
C THR B 192 -3.18 -21.44 -2.06
N SER B 193 -1.97 -21.60 -2.57
CA SER B 193 -1.75 -21.93 -3.98
C SER B 193 -1.46 -23.42 -4.09
N ASP B 194 -2.22 -24.12 -4.93
CA ASP B 194 -2.03 -25.56 -5.11
C ASP B 194 -0.66 -25.92 -5.70
N SER B 195 0.07 -24.97 -6.28
CA SER B 195 1.38 -25.27 -6.84
C SER B 195 2.24 -24.02 -6.80
N ASN B 196 3.48 -24.16 -7.24
CA ASN B 196 4.43 -23.06 -7.37
C ASN B 196 4.46 -22.48 -8.78
N ILE B 197 3.40 -22.65 -9.57
CA ILE B 197 3.45 -22.41 -11.01
C ILE B 197 2.45 -21.33 -11.39
N ARG B 198 2.82 -20.53 -12.38
CA ARG B 198 2.02 -19.41 -12.83
C ARG B 198 0.61 -19.87 -13.19
N GLU B 199 -0.35 -18.97 -12.98
CA GLU B 199 -1.76 -19.11 -13.32
C GLU B 199 -2.49 -20.14 -12.48
N THR B 200 -1.87 -20.64 -11.41
CA THR B 200 -2.62 -21.41 -10.44
C THR B 200 -3.60 -20.48 -9.71
N VAL B 201 -4.87 -20.89 -9.63
CA VAL B 201 -5.89 -20.09 -8.95
C VAL B 201 -5.74 -20.31 -7.44
N VAL B 202 -5.58 -19.22 -6.71
CA VAL B 202 -5.41 -19.32 -5.27
C VAL B 202 -6.76 -19.61 -4.62
N LYS B 203 -6.73 -20.38 -3.52
CA LYS B 203 -7.93 -20.83 -2.81
C LYS B 203 -7.76 -20.65 -1.32
N ILE B 204 -8.80 -21.02 -0.58
CA ILE B 204 -8.80 -21.05 0.88
C ILE B 204 -8.88 -22.51 1.26
N LEU B 205 -7.81 -23.04 1.88
CA LEU B 205 -7.74 -24.44 2.23
C LEU B 205 -7.21 -24.59 3.65
N SER B 206 -7.34 -25.79 4.21
CA SER B 206 -6.82 -26.05 5.55
C SER B 206 -5.34 -25.67 5.66
N CYS B 207 -4.97 -25.02 6.78
CA CYS B 207 -3.56 -24.72 7.08
C CYS B 207 -2.73 -25.94 7.47
N GLY B 208 -3.33 -27.13 7.56
CA GLY B 208 -2.66 -28.32 8.02
C GLY B 208 -1.27 -28.61 7.45
N PRO B 209 -1.12 -28.48 6.12
CA PRO B 209 0.22 -28.74 5.53
C PRO B 209 1.26 -27.70 5.87
N ALA B 210 0.85 -26.47 6.24
CA ALA B 210 1.77 -25.36 6.46
C ALA B 210 2.86 -25.33 5.37
N SER B 211 2.40 -25.29 4.12
CA SER B 211 3.26 -25.57 2.98
C SER B 211 3.88 -24.28 2.41
N SER B 212 4.77 -24.49 1.43
CA SER B 212 5.34 -23.39 0.63
C SER B 212 4.25 -22.58 -0.07
N GLY B 213 3.15 -23.22 -0.46
CA GLY B 213 2.07 -22.52 -1.14
C GLY B 213 1.14 -21.74 -0.24
N GLN B 214 1.45 -21.68 1.06
CA GLN B 214 0.61 -21.00 2.03
C GLN B 214 1.35 -19.88 2.75
N ARG B 215 2.58 -19.58 2.33
CA ARG B 215 3.38 -18.53 2.94
C ARG B 215 3.47 -17.34 1.99
N TRP B 216 3.26 -16.14 2.53
CA TRP B 216 3.17 -14.93 1.73
C TRP B 216 3.93 -13.80 2.39
N MET B 217 4.52 -12.92 1.58
CA MET B 217 5.21 -11.76 2.12
C MET B 217 4.70 -10.48 1.46
N PHE B 218 4.32 -9.51 2.29
CA PHE B 218 3.97 -8.18 1.81
C PHE B 218 5.25 -7.42 1.51
N LYS B 219 5.49 -7.10 0.23
CA LYS B 219 6.72 -6.46 -0.21
C LYS B 219 6.56 -4.93 -0.21
N ASN B 220 7.70 -4.24 -0.24
CA ASN B 220 7.70 -2.79 -0.20
C ASN B 220 7.10 -2.17 -1.46
N ASP B 221 7.03 -2.92 -2.56
CA ASP B 221 6.46 -2.37 -3.79
C ASP B 221 4.96 -2.62 -3.92
N GLY B 222 4.30 -3.08 -2.87
CA GLY B 222 2.86 -3.28 -2.93
C GLY B 222 2.41 -4.66 -3.38
N THR B 223 3.34 -5.54 -3.77
CA THR B 223 2.98 -6.88 -4.17
C THR B 223 2.93 -7.82 -2.97
N ILE B 224 2.22 -8.93 -3.15
CA ILE B 224 2.13 -9.98 -2.14
C ILE B 224 2.80 -11.21 -2.76
N LEU B 225 3.93 -11.59 -2.21
CA LEU B 225 4.84 -12.53 -2.88
C LEU B 225 4.77 -13.89 -2.22
N ASN B 226 4.60 -14.92 -3.03
CA ASN B 226 4.81 -16.29 -2.58
C ASN B 226 6.32 -16.57 -2.64
N LEU B 227 6.96 -16.64 -1.47
CA LEU B 227 8.43 -16.65 -1.41
C LEU B 227 9.03 -17.80 -2.21
N TYR B 228 8.49 -19.00 -2.04
CA TYR B 228 9.13 -20.17 -2.62
C TYR B 228 9.11 -20.11 -4.15
N SER B 229 7.99 -19.69 -4.73
CA SER B 229 7.87 -19.69 -6.18
C SER B 229 8.44 -18.44 -6.83
N GLY B 230 8.56 -17.33 -6.10
CA GLY B 230 8.86 -16.05 -6.71
C GLY B 230 7.68 -15.36 -7.37
N LEU B 231 6.49 -15.97 -7.38
CA LEU B 231 5.33 -15.42 -8.05
C LEU B 231 4.51 -14.58 -7.08
N VAL B 232 3.76 -13.61 -7.61
CA VAL B 232 2.99 -12.70 -6.79
C VAL B 232 1.49 -12.92 -7.03
N LEU B 233 0.70 -12.48 -6.05
CA LEU B 233 -0.76 -12.49 -6.12
C LEU B 233 -1.26 -11.53 -7.20
N ASP B 234 -2.15 -12.00 -8.06
CA ASP B 234 -2.45 -11.32 -9.31
C ASP B 234 -3.93 -11.50 -9.64
N VAL B 235 -4.65 -10.39 -9.84
CA VAL B 235 -6.06 -10.44 -10.22
C VAL B 235 -6.13 -10.85 -11.69
N ARG B 236 -6.64 -12.05 -11.96
CA ARG B 236 -6.46 -12.65 -13.27
C ARG B 236 -7.00 -11.76 -14.39
N ALA B 237 -6.16 -11.53 -15.41
CA ALA B 237 -6.49 -10.70 -16.56
C ALA B 237 -6.98 -9.31 -16.17
N SER B 238 -6.61 -8.83 -14.97
CA SER B 238 -7.11 -7.55 -14.44
C SER B 238 -8.63 -7.49 -14.49
N ASP B 239 -9.27 -8.64 -14.32
CA ASP B 239 -10.73 -8.73 -14.50
C ASP B 239 -11.35 -9.28 -13.24
N PRO B 240 -11.87 -8.42 -12.37
CA PRO B 240 -12.49 -8.92 -11.12
C PRO B 240 -13.65 -9.85 -11.36
N SER B 241 -14.35 -9.73 -12.49
CA SER B 241 -15.52 -10.55 -12.73
C SER B 241 -15.18 -12.01 -12.95
N LEU B 242 -13.91 -12.35 -13.18
CA LEU B 242 -13.57 -13.76 -13.27
C LEU B 242 -13.53 -14.42 -11.90
N LYS B 243 -13.50 -13.63 -10.82
CA LYS B 243 -13.47 -14.15 -9.45
C LYS B 243 -12.30 -15.12 -9.25
N GLN B 244 -11.15 -14.81 -9.85
CA GLN B 244 -9.96 -15.64 -9.71
C GLN B 244 -8.74 -14.76 -9.43
N ILE B 245 -8.03 -15.09 -8.36
CA ILE B 245 -6.73 -14.52 -8.05
C ILE B 245 -5.71 -15.63 -8.33
N ILE B 246 -4.61 -15.29 -9.00
CA ILE B 246 -3.66 -16.30 -9.42
C ILE B 246 -2.25 -15.93 -8.97
N LEU B 247 -1.36 -16.92 -9.00
CA LEU B 247 0.08 -16.66 -9.03
C LEU B 247 0.49 -16.23 -10.43
N TYR B 248 1.37 -15.24 -10.52
CA TYR B 248 1.84 -14.76 -11.81
C TYR B 248 3.20 -14.09 -11.65
N PRO B 249 4.07 -14.15 -12.65
CA PRO B 249 5.36 -13.45 -12.56
C PRO B 249 5.17 -11.96 -12.32
N LEU B 250 6.13 -11.38 -11.61
CA LEU B 250 6.04 -9.98 -11.18
C LEU B 250 6.07 -9.05 -12.38
N HIS B 251 5.04 -8.22 -12.55
CA HIS B 251 5.20 -7.05 -13.39
C HIS B 251 4.82 -5.75 -12.69
N GLY B 252 4.11 -5.79 -11.57
CA GLY B 252 3.80 -4.56 -10.86
C GLY B 252 2.72 -3.68 -11.45
N ASP B 253 1.94 -4.16 -12.43
CA ASP B 253 0.76 -3.43 -12.90
C ASP B 253 -0.30 -3.40 -11.79
N PRO B 254 -1.34 -2.57 -11.94
CA PRO B 254 -2.33 -2.42 -10.85
C PRO B 254 -2.97 -3.73 -10.38
N ASN B 255 -3.15 -4.73 -11.24
CA ASN B 255 -3.75 -5.98 -10.78
C ASN B 255 -2.80 -6.81 -9.90
N GLN B 256 -1.58 -6.35 -9.64
CA GLN B 256 -0.66 -7.02 -8.72
C GLN B 256 -0.38 -6.19 -7.47
N ILE B 257 -1.05 -5.05 -7.30
CA ILE B 257 -0.75 -4.12 -6.24
C ILE B 257 -1.85 -4.20 -5.20
N TRP B 258 -1.46 -4.26 -3.93
CA TRP B 258 -2.35 -4.48 -2.81
C TRP B 258 -1.97 -3.54 -1.69
N LEU B 259 -2.88 -3.37 -0.72
CA LEU B 259 -2.53 -2.60 0.44
C LEU B 259 -3.30 -3.12 1.65
N PRO B 260 -2.63 -3.36 2.77
CA PRO B 260 -3.32 -3.72 4.01
C PRO B 260 -3.91 -2.48 4.65
N LEU B 261 -5.23 -2.41 4.72
CA LEU B 261 -5.92 -1.28 5.31
C LEU B 261 -6.57 -1.76 6.59
N PHE B 262 -6.12 -1.22 7.71
CA PHE B 262 -6.64 -1.67 9.00
C PHE B 262 -7.44 -0.57 9.68
N LEU C 2 -21.18 20.93 -25.10
CA LEU C 2 -20.72 19.54 -25.00
C LEU C 2 -21.59 18.59 -25.81
N GLN C 3 -20.98 17.90 -26.78
CA GLN C 3 -21.68 16.93 -27.61
C GLN C 3 -20.94 15.60 -27.61
N LEU C 4 -21.70 14.52 -27.51
CA LEU C 4 -21.17 13.17 -27.63
C LEU C 4 -21.58 12.60 -28.97
N ALA C 5 -20.69 11.85 -29.61
CA ALA C 5 -20.96 11.27 -30.91
C ALA C 5 -20.60 9.79 -30.89
N GLU C 6 -21.56 8.95 -31.23
CA GLU C 6 -21.32 7.51 -31.34
C GLU C 6 -20.98 7.15 -32.78
N SER C 7 -20.16 6.12 -32.92
CA SER C 7 -19.80 5.62 -34.25
C SER C 7 -19.65 4.11 -34.14
N GLY C 8 -19.62 3.46 -35.29
CA GLY C 8 -19.26 2.06 -35.36
C GLY C 8 -20.41 1.08 -35.43
N GLY C 9 -21.65 1.55 -35.30
CA GLY C 9 -22.79 0.68 -35.52
C GLY C 9 -22.86 0.20 -36.96
N GLY C 10 -23.75 -0.75 -37.19
CA GLY C 10 -23.93 -1.31 -38.52
C GLY C 10 -24.59 -2.67 -38.45
N LEU C 11 -24.41 -3.43 -39.52
CA LEU C 11 -24.99 -4.75 -39.69
C LEU C 11 -23.94 -5.83 -39.49
N VAL C 12 -24.31 -6.87 -38.75
CA VAL C 12 -23.54 -8.10 -38.67
C VAL C 12 -24.52 -9.25 -38.49
N GLN C 13 -24.01 -10.45 -38.67
CA GLN C 13 -24.83 -11.63 -38.44
C GLN C 13 -24.47 -12.26 -37.10
N ALA C 14 -25.37 -13.12 -36.63
CA ALA C 14 -25.25 -13.71 -35.30
C ALA C 14 -23.88 -14.34 -35.11
N GLY C 15 -23.28 -14.08 -33.95
CA GLY C 15 -21.92 -14.51 -33.67
C GLY C 15 -20.85 -13.54 -34.10
N GLY C 16 -21.21 -12.49 -34.83
CA GLY C 16 -20.24 -11.48 -35.24
C GLY C 16 -19.91 -10.49 -34.13
N SER C 17 -19.08 -9.52 -34.49
CA SER C 17 -18.56 -8.56 -33.52
C SER C 17 -18.56 -7.16 -34.13
N LEU C 18 -18.70 -6.16 -33.26
CA LEU C 18 -18.56 -4.76 -33.63
C LEU C 18 -17.85 -4.04 -32.49
N ASN C 19 -17.27 -2.89 -32.83
CA ASN C 19 -16.63 -2.02 -31.85
C ASN C 19 -17.19 -0.62 -32.03
N LEU C 20 -17.94 -0.15 -31.03
CA LEU C 20 -18.46 1.20 -31.02
C LEU C 20 -17.49 2.13 -30.32
N SER C 21 -17.52 3.39 -30.74
CA SER C 21 -16.72 4.44 -30.13
C SER C 21 -17.59 5.63 -29.79
N CYS C 22 -17.20 6.37 -28.75
CA CYS C 22 -17.93 7.54 -28.31
C CYS C 22 -16.90 8.64 -28.09
N ILE C 23 -17.00 9.71 -28.89
CA ILE C 23 -16.05 10.82 -28.83
C ILE C 23 -16.81 12.06 -28.40
N ALA C 24 -16.28 12.73 -27.38
CA ALA C 24 -16.82 14.02 -27.01
C ALA C 24 -16.22 15.10 -27.90
N SER C 25 -16.98 16.19 -28.09
CA SER C 25 -16.49 17.35 -28.81
C SER C 25 -15.37 18.05 -28.04
N ARG C 26 -15.38 17.89 -26.72
CA ARG C 26 -14.52 18.62 -25.80
C ARG C 26 -14.16 17.69 -24.67
N ARG C 27 -13.02 17.91 -24.05
CA ARG C 27 -12.66 17.17 -22.84
C ARG C 27 -12.95 18.04 -21.63
N THR C 28 -13.96 17.65 -20.86
CA THR C 28 -14.17 18.20 -19.52
C THR C 28 -13.52 17.26 -18.51
N LEU C 29 -13.05 17.84 -17.43
CA LEU C 29 -12.28 17.12 -16.44
C LEU C 29 -13.11 16.79 -15.20
N SER C 30 -14.42 17.03 -15.26
CA SER C 30 -15.32 16.82 -14.13
C SER C 30 -16.18 15.58 -14.28
N THR C 31 -15.97 14.81 -15.35
CA THR C 31 -16.75 13.61 -15.59
C THR C 31 -16.45 12.53 -14.55
N SER C 32 -17.50 11.85 -14.09
CA SER C 32 -17.36 10.74 -13.14
C SER C 32 -17.53 9.38 -13.78
N PHE C 33 -18.45 9.25 -14.73
CA PHE C 33 -18.71 7.98 -15.38
C PHE C 33 -19.07 8.24 -16.83
N MET C 34 -18.61 7.36 -17.72
CA MET C 34 -19.09 7.24 -19.08
C MET C 34 -19.88 5.95 -19.16
N ALA C 35 -20.90 5.91 -20.01
CA ALA C 35 -21.73 4.71 -20.06
C ALA C 35 -22.25 4.47 -21.47
N TRP C 36 -22.57 3.20 -21.73
CA TRP C 36 -23.28 2.80 -22.94
C TRP C 36 -24.67 2.30 -22.54
N PHE C 37 -25.68 2.73 -23.26
CA PHE C 37 -27.05 2.24 -23.10
C PHE C 37 -27.53 1.74 -24.46
N ARG C 38 -28.62 0.97 -24.45
CA ARG C 38 -29.27 0.60 -25.71
C ARG C 38 -30.78 0.66 -25.55
N GLN C 39 -31.46 0.89 -26.66
CA GLN C 39 -32.92 1.00 -26.65
C GLN C 39 -33.47 0.37 -27.92
N VAL C 40 -34.54 -0.41 -27.75
CA VAL C 40 -35.32 -0.91 -28.88
C VAL C 40 -36.67 -0.21 -28.82
N PRO C 41 -37.45 -0.18 -29.89
CA PRO C 41 -38.77 0.46 -29.82
C PRO C 41 -39.63 -0.17 -28.73
N GLY C 42 -40.38 0.68 -28.02
CA GLY C 42 -41.32 0.24 -27.02
C GLY C 42 -40.73 -0.20 -25.69
N LYS C 43 -39.42 -0.28 -25.56
CA LYS C 43 -38.81 -0.61 -24.28
C LYS C 43 -38.04 0.60 -23.75
N GLU C 44 -37.84 0.61 -22.43
CA GLU C 44 -36.99 1.62 -21.84
C GLU C 44 -35.54 1.41 -22.28
N ARG C 45 -34.73 2.43 -22.06
CA ARG C 45 -33.30 2.32 -22.33
C ARG C 45 -32.65 1.44 -21.29
N GLU C 46 -31.80 0.53 -21.76
CA GLU C 46 -31.19 -0.51 -20.95
C GLU C 46 -29.71 -0.20 -20.74
N PHE C 47 -29.26 -0.25 -19.48
CA PHE C 47 -27.84 -0.10 -19.18
C PHE C 47 -27.05 -1.22 -19.84
N VAL C 48 -25.97 -0.86 -20.53
CA VAL C 48 -25.10 -1.84 -21.17
C VAL C 48 -23.75 -1.92 -20.47
N ALA C 49 -23.11 -0.78 -20.24
CA ALA C 49 -21.76 -0.79 -19.69
C ALA C 49 -21.45 0.60 -19.17
N ALA C 50 -20.55 0.68 -18.19
CA ALA C 50 -20.06 1.96 -17.71
C ALA C 50 -18.59 1.86 -17.37
N LEU C 51 -17.95 3.03 -17.33
CA LEU C 51 -16.53 3.14 -17.02
C LEU C 51 -16.35 4.25 -16.01
N ARG C 52 -15.79 3.93 -14.84
CA ARG C 52 -15.52 4.94 -13.82
C ARG C 52 -14.31 5.78 -14.22
N SER C 53 -14.48 7.10 -14.27
CA SER C 53 -13.41 7.97 -14.77
C SER C 53 -12.17 7.96 -13.86
N SER C 54 -12.38 7.85 -12.54
CA SER C 54 -11.26 8.01 -11.61
C SER C 54 -10.21 6.93 -11.77
N ASP C 55 -10.63 5.69 -12.08
CA ASP C 55 -9.68 4.59 -12.15
C ASP C 55 -9.92 3.61 -13.29
N GLY C 56 -10.92 3.84 -14.13
CA GLY C 56 -11.11 2.92 -15.24
C GLY C 56 -11.86 1.63 -14.91
N ARG C 57 -12.48 1.52 -13.74
CA ARG C 57 -13.19 0.29 -13.44
C ARG C 57 -14.38 0.10 -14.39
N PRO C 58 -14.50 -1.07 -15.02
CA PRO C 58 -15.66 -1.32 -15.89
C PRO C 58 -16.83 -1.96 -15.16
N TYR C 59 -18.04 -1.71 -15.68
CA TYR C 59 -19.28 -2.31 -15.20
C TYR C 59 -20.13 -2.72 -16.39
N TYR C 60 -20.91 -3.79 -16.24
CA TYR C 60 -21.67 -4.33 -17.37
C TYR C 60 -23.10 -4.65 -16.96
N GLY C 61 -24.02 -4.47 -17.90
CA GLY C 61 -25.39 -4.88 -17.68
C GLY C 61 -25.55 -6.39 -17.70
N ASP C 62 -26.72 -6.83 -17.23
CA ASP C 62 -26.96 -8.27 -17.01
C ASP C 62 -26.90 -9.06 -18.31
N SER C 63 -27.43 -8.50 -19.40
CA SER C 63 -27.54 -9.29 -20.61
C SER C 63 -26.24 -9.35 -21.41
N VAL C 64 -25.23 -8.54 -21.09
CA VAL C 64 -23.91 -8.70 -21.69
C VAL C 64 -23.13 -9.61 -20.75
N LYS C 65 -23.03 -10.86 -21.13
CA LYS C 65 -22.58 -11.89 -20.22
C LYS C 65 -21.12 -12.20 -20.54
N GLY C 66 -20.26 -11.27 -20.15
CA GLY C 66 -18.85 -11.36 -20.47
C GLY C 66 -18.51 -11.13 -21.92
N ARG C 67 -19.51 -10.79 -22.75
CA ARG C 67 -19.32 -10.70 -24.19
C ARG C 67 -18.72 -9.37 -24.63
N PHE C 68 -18.96 -8.29 -23.88
CA PHE C 68 -18.50 -6.96 -24.29
C PHE C 68 -17.40 -6.47 -23.37
N THR C 69 -16.61 -5.52 -23.90
CA THR C 69 -15.58 -4.84 -23.12
C THR C 69 -15.68 -3.35 -23.37
N VAL C 70 -15.86 -2.58 -22.30
CA VAL C 70 -15.83 -1.12 -22.36
C VAL C 70 -14.45 -0.65 -21.95
N SER C 71 -13.92 0.33 -22.67
CA SER C 71 -12.56 0.77 -22.38
C SER C 71 -12.39 2.21 -22.82
N ARG C 72 -11.22 2.74 -22.49
CA ARG C 72 -10.86 4.14 -22.63
C ARG C 72 -9.47 4.17 -23.25
N ASP C 73 -9.20 5.18 -24.07
CA ASP C 73 -7.85 5.34 -24.59
C ASP C 73 -7.25 6.68 -24.16
N ASN C 74 -5.95 6.83 -24.39
CA ASN C 74 -5.34 8.14 -24.38
C ASN C 74 -6.12 9.05 -25.33
N ALA C 75 -6.46 10.24 -24.85
CA ALA C 75 -7.40 11.12 -25.54
C ALA C 75 -8.74 10.39 -25.72
N THR C 77 -11.65 9.23 -25.75
CA THR C 77 -12.46 8.30 -26.52
C THR C 77 -12.78 7.02 -25.73
N VAL C 78 -14.07 6.68 -25.64
CA VAL C 78 -14.52 5.47 -24.95
C VAL C 78 -15.07 4.50 -25.99
N TYR C 79 -14.69 3.23 -25.86
CA TYR C 79 -15.06 2.18 -26.80
C TYR C 79 -15.93 1.12 -26.14
N LEU C 80 -16.75 0.44 -26.95
CA LEU C 80 -17.46 -0.75 -26.53
C LEU C 80 -17.19 -1.88 -27.52
N GLN C 81 -16.37 -2.84 -27.12
CA GLN C 81 -16.11 -4.01 -27.96
C GLN C 81 -17.21 -5.04 -27.74
N MET C 82 -17.99 -5.31 -28.78
CA MET C 82 -19.10 -6.26 -28.70
C MET C 82 -18.74 -7.52 -29.48
N ASN C 83 -18.78 -8.67 -28.81
CA ASN C 83 -18.47 -9.96 -29.43
C ASN C 83 -19.60 -10.95 -29.17
N SER C 84 -19.66 -11.97 -30.03
CA SER C 84 -20.68 -13.02 -29.97
C SER C 84 -22.09 -12.42 -29.95
N LEU C 85 -22.37 -11.61 -30.96
CA LEU C 85 -23.60 -10.84 -30.99
C LEU C 85 -24.79 -11.72 -31.38
N LYS C 86 -25.86 -11.61 -30.59
CA LYS C 86 -27.12 -12.31 -30.80
C LYS C 86 -28.15 -11.34 -31.37
N PRO C 87 -29.16 -11.85 -32.09
CA PRO C 87 -30.22 -10.97 -32.61
C PRO C 87 -30.87 -10.12 -31.54
N GLU C 88 -30.89 -10.60 -30.30
CA GLU C 88 -31.44 -9.84 -29.18
C GLU C 88 -30.62 -8.60 -28.85
N ASP C 89 -29.44 -8.43 -29.47
CA ASP C 89 -28.63 -7.24 -29.26
C ASP C 89 -28.93 -6.12 -30.25
N THR C 90 -29.81 -6.36 -31.22
CA THR C 90 -30.23 -5.31 -32.13
C THR C 90 -30.91 -4.19 -31.35
N ALA C 91 -30.46 -2.96 -31.56
CA ALA C 91 -30.93 -1.82 -30.79
C ALA C 91 -30.17 -0.58 -31.29
N ILE C 92 -30.68 0.59 -30.91
CA ILE C 92 -29.90 1.81 -30.95
C ILE C 92 -29.05 1.87 -29.69
N TYR C 93 -27.75 2.11 -29.86
CA TYR C 93 -26.80 2.20 -28.76
C TYR C 93 -26.40 3.66 -28.56
N TYR C 94 -26.39 4.10 -27.31
CA TYR C 94 -26.13 5.49 -26.93
C TYR C 94 -24.98 5.55 -25.94
N CYS C 95 -24.15 6.57 -26.12
N CYS C 95 -24.12 6.55 -26.08
CA CYS C 95 -23.17 6.96 -25.12
CA CYS C 95 -23.14 6.80 -25.03
C CYS C 95 -23.77 8.00 -24.19
C CYS C 95 -23.57 8.04 -24.24
N ALA C 96 -23.30 8.00 -22.94
CA ALA C 96 -23.81 8.97 -21.99
C ALA C 96 -22.74 9.32 -20.98
N LEU C 97 -22.92 10.46 -20.34
CA LEU C 97 -21.93 11.03 -19.45
C LEU C 97 -22.59 11.42 -18.13
N ASN C 98 -21.90 11.17 -17.02
CA ASN C 98 -22.36 11.51 -15.69
C ASN C 98 -21.29 12.33 -14.98
N ARG C 99 -21.70 13.36 -14.23
CA ARG C 99 -20.80 14.29 -13.55
C ARG C 99 -21.12 14.37 -12.06
N GLY C 100 -20.08 14.61 -11.26
CA GLY C 100 -20.27 14.92 -9.86
C GLY C 100 -20.59 13.74 -8.97
N TYR C 101 -20.54 12.52 -9.48
CA TYR C 101 -20.86 11.36 -8.66
C TYR C 101 -19.83 11.22 -7.53
N SER C 102 -20.32 10.92 -6.33
CA SER C 102 -19.46 10.76 -5.17
C SER C 102 -19.88 9.52 -4.39
N GLY C 103 -18.93 8.61 -4.13
CA GLY C 103 -19.27 7.42 -3.36
C GLY C 103 -18.67 6.18 -3.98
N THR C 104 -19.03 5.02 -3.41
CA THR C 104 -18.39 3.75 -3.77
C THR C 104 -19.16 2.96 -4.83
N GLY C 105 -20.37 3.40 -5.19
CA GLY C 105 -21.18 2.74 -6.20
C GLY C 105 -21.03 3.38 -7.56
N TYR C 106 -22.03 3.17 -8.41
CA TYR C 106 -21.98 3.63 -9.79
C TYR C 106 -23.38 3.95 -10.30
N PRO C 107 -23.51 4.96 -11.15
CA PRO C 107 -24.81 5.22 -11.80
C PRO C 107 -25.03 4.22 -12.91
N SER C 108 -26.22 3.63 -12.97
CA SER C 108 -26.55 2.62 -13.95
C SER C 108 -27.93 2.81 -14.58
N LYS C 109 -28.64 3.88 -14.27
CA LYS C 109 -29.95 4.12 -14.83
C LYS C 109 -29.89 5.32 -15.77
N GLN C 110 -30.77 5.29 -16.77
CA GLN C 110 -30.80 6.35 -17.78
C GLN C 110 -30.94 7.72 -17.12
N TYR C 111 -31.78 7.82 -16.07
CA TYR C 111 -32.04 9.13 -15.49
C TYR C 111 -30.86 9.68 -14.67
N GLU C 112 -29.81 8.88 -14.47
CA GLU C 112 -28.62 9.33 -13.76
C GLU C 112 -27.56 9.92 -14.68
N TYR C 113 -27.77 9.89 -15.99
CA TYR C 113 -26.82 10.44 -16.95
C TYR C 113 -27.50 11.60 -17.67
N ASN C 114 -26.85 12.76 -17.68
CA ASN C 114 -27.53 13.92 -18.26
C ASN C 114 -27.06 14.29 -19.65
N ASP C 115 -25.92 13.82 -20.11
CA ASP C 115 -25.47 14.13 -21.47
C ASP C 115 -25.49 12.86 -22.30
N TRP C 116 -26.00 12.97 -23.54
CA TRP C 116 -26.35 11.84 -24.40
C TRP C 116 -25.95 12.11 -25.84
N GLY C 117 -25.37 11.12 -26.51
CA GLY C 117 -25.23 11.18 -27.95
C GLY C 117 -26.56 10.85 -28.62
N GLN C 118 -26.58 10.99 -29.95
CA GLN C 118 -27.80 10.70 -30.70
C GLN C 118 -28.03 9.21 -30.93
N GLY C 119 -27.04 8.38 -30.67
CA GLY C 119 -27.21 6.95 -30.84
C GLY C 119 -26.73 6.45 -32.19
N THR C 120 -26.24 5.22 -32.21
CA THR C 120 -25.90 4.54 -33.45
C THR C 120 -26.61 3.18 -33.50
N GLN C 121 -27.18 2.86 -34.65
N GLN C 121 -27.12 2.85 -34.67
CA GLN C 121 -27.95 1.63 -34.78
CA GLN C 121 -27.93 1.65 -34.85
C GLN C 121 -27.03 0.43 -34.89
C GLN C 121 -27.04 0.41 -34.94
N VAL C 122 -27.41 -0.64 -34.20
CA VAL C 122 -26.76 -1.94 -34.29
C VAL C 122 -27.81 -2.95 -34.71
N THR C 123 -27.54 -3.68 -35.78
CA THR C 123 -28.48 -4.65 -36.31
C THR C 123 -27.75 -5.98 -36.47
N VAL C 124 -28.25 -7.02 -35.81
CA VAL C 124 -27.64 -8.34 -35.83
C VAL C 124 -28.53 -9.26 -36.66
N SER C 125 -27.94 -9.90 -37.67
CA SER C 125 -28.71 -10.70 -38.61
C SER C 125 -29.07 -12.05 -37.99
N SER C 126 -29.82 -12.86 -38.76
CA SER C 126 -30.24 -14.20 -38.36
C SER C 126 -30.95 -14.19 -37.01
#